data_1HRA
#
_entry.id   1HRA
#
_cell.length_a   1.000
_cell.length_b   1.000
_cell.length_c   1.000
_cell.angle_alpha   90.00
_cell.angle_beta   90.00
_cell.angle_gamma   90.00
#
_symmetry.space_group_name_H-M   'P 1'
#
loop_
_entity.id
_entity.type
_entity.pdbx_description
1 polymer 'RETINOIC ACID RECEPTOR'
2 non-polymer 'ZINC ION'
#
_entity_poly.entity_id   1
_entity_poly.type   'polypeptide(L)'
_entity_poly.pdbx_seq_one_letter_code
;MPRVYKPCFVCQDKSSGYHYGVSACEGCKGFFRRSIQKNMIYTCHRDKNCVINKVTRNRCQYCRLQKCFEVGMSKESVRN
;
_entity_poly.pdbx_strand_id   A
#
# COMPACT_ATOMS: atom_id res chain seq x y z
N MET A 1 17.64 -5.23 -0.21
CA MET A 1 17.94 -3.79 0.00
C MET A 1 17.13 -3.14 1.15
N PRO A 2 17.80 -2.31 1.98
CA PRO A 2 17.14 -1.56 3.07
C PRO A 2 16.10 -0.55 2.52
N ARG A 3 16.52 0.69 2.26
CA ARG A 3 15.70 1.79 1.69
C ARG A 3 16.55 2.85 0.99
N VAL A 4 16.10 3.23 -0.20
CA VAL A 4 16.58 4.47 -0.88
C VAL A 4 15.43 5.46 -1.13
N TYR A 5 14.66 5.23 -2.18
CA TYR A 5 13.44 6.01 -2.47
C TYR A 5 12.16 5.18 -2.39
N LYS A 6 11.15 5.82 -1.81
CA LYS A 6 9.82 5.24 -1.52
C LYS A 6 8.99 4.83 -2.72
N PRO A 7 8.63 5.76 -3.62
CA PRO A 7 7.45 6.64 -3.54
C PRO A 7 6.10 5.94 -3.79
N CYS A 8 6.07 4.83 -3.09
CA CYS A 8 4.99 3.84 -2.95
C CYS A 8 3.84 4.00 -1.94
N PHE A 9 3.98 4.52 -0.72
CA PHE A 9 5.20 5.08 -0.11
C PHE A 9 6.10 4.05 0.65
N VAL A 10 5.69 2.80 0.51
CA VAL A 10 6.12 1.70 1.39
C VAL A 10 6.76 0.47 0.71
N CYS A 11 6.36 0.21 -0.53
CA CYS A 11 6.59 -1.07 -1.20
C CYS A 11 7.45 -1.09 -2.48
N GLN A 12 8.59 -0.42 -2.64
CA GLN A 12 9.41 0.55 -1.87
C GLN A 12 10.38 1.27 -2.84
N ASP A 13 9.80 1.87 -3.90
CA ASP A 13 10.56 2.48 -5.01
C ASP A 13 9.74 3.07 -6.16
N LYS A 14 8.71 2.32 -6.52
CA LYS A 14 7.81 2.62 -7.65
C LYS A 14 6.92 3.79 -7.26
N SER A 15 6.82 4.75 -8.19
CA SER A 15 6.12 6.04 -7.99
C SER A 15 5.16 6.47 -9.09
N SER A 16 4.37 7.51 -8.76
CA SER A 16 4.19 8.74 -9.55
C SER A 16 2.97 9.65 -9.31
N GLY A 17 3.25 10.94 -9.34
CA GLY A 17 2.28 12.06 -9.43
C GLY A 17 1.24 12.10 -8.29
N TYR A 18 1.48 12.99 -7.32
CA TYR A 18 0.83 12.84 -6.01
C TYR A 18 -0.66 13.19 -5.78
N HIS A 19 -1.42 12.11 -5.93
CA HIS A 19 -2.86 11.94 -5.58
C HIS A 19 -3.21 12.33 -4.13
N TYR A 20 -3.27 11.35 -3.22
CA TYR A 20 -3.81 11.56 -1.87
C TYR A 20 -2.88 11.20 -0.68
N GLY A 21 -2.33 12.26 -0.08
CA GLY A 21 -1.73 12.24 1.28
C GLY A 21 -0.31 11.68 1.42
N VAL A 22 0.03 10.77 0.51
CA VAL A 22 1.29 10.00 0.50
C VAL A 22 2.12 10.38 -0.75
N SER A 23 3.09 9.51 -1.01
CA SER A 23 3.68 9.36 -2.33
C SER A 23 3.39 7.92 -2.74
N ALA A 24 2.64 7.71 -3.80
CA ALA A 24 2.30 6.35 -4.21
C ALA A 24 2.80 5.89 -5.58
N CYS A 25 2.88 4.57 -5.56
CA CYS A 25 3.50 3.67 -6.55
C CYS A 25 2.70 3.58 -7.86
N GLU A 26 1.54 4.23 -7.85
CA GLU A 26 0.49 4.18 -8.87
C GLU A 26 -0.18 2.80 -8.94
N GLY A 27 0.69 1.79 -8.89
CA GLY A 27 0.35 0.42 -8.48
C GLY A 27 -0.31 0.42 -7.09
N CYS A 28 0.27 1.15 -6.12
CA CYS A 28 -0.34 1.28 -4.79
C CYS A 28 -1.70 1.97 -4.74
N LYS A 29 -1.85 3.15 -5.35
CA LYS A 29 -3.17 3.83 -5.39
C LYS A 29 -4.24 2.94 -6.08
N GLY A 30 -3.82 2.23 -7.13
CA GLY A 30 -4.59 1.18 -7.83
C GLY A 30 -5.02 0.07 -6.86
N PHE A 31 -4.04 -0.52 -6.18
CA PHE A 31 -4.21 -1.50 -5.08
C PHE A 31 -5.15 -1.03 -3.95
N PHE A 32 -5.08 0.27 -3.70
CA PHE A 32 -5.64 0.92 -2.50
C PHE A 32 -7.16 0.93 -2.71
N ARG A 33 -7.58 1.51 -3.82
CA ARG A 33 -8.98 1.38 -4.28
C ARG A 33 -9.44 -0.03 -4.62
N ARG A 34 -8.54 -0.82 -5.17
CA ARG A 34 -8.89 -2.19 -5.55
C ARG A 34 -9.39 -3.00 -4.37
N SER A 35 -8.60 -3.00 -3.30
CA SER A 35 -9.09 -3.55 -2.03
C SER A 35 -10.20 -2.68 -1.44
N ILE A 36 -9.87 -1.47 -1.03
CA ILE A 36 -10.75 -0.69 -0.17
C ILE A 36 -12.12 -0.35 -0.78
N GLN A 37 -12.04 0.20 -1.97
CA GLN A 37 -13.20 0.82 -2.61
C GLN A 37 -14.29 -0.22 -2.97
N LYS A 38 -13.79 -1.33 -3.52
CA LYS A 38 -14.62 -2.39 -4.11
C LYS A 38 -14.47 -3.82 -3.58
N ASN A 39 -13.24 -4.25 -3.29
CA ASN A 39 -12.98 -5.67 -2.99
C ASN A 39 -12.22 -6.08 -1.70
N MET A 40 -12.43 -5.34 -0.61
CA MET A 40 -11.96 -5.76 0.71
C MET A 40 -13.03 -6.13 1.72
N ILE A 41 -12.86 -7.35 2.17
CA ILE A 41 -13.00 -7.70 3.59
C ILE A 41 -11.79 -8.60 3.95
N TYR A 42 -11.07 -8.21 4.98
CA TYR A 42 -9.70 -8.70 5.21
C TYR A 42 -9.19 -8.53 6.65
N THR A 43 -8.42 -9.55 7.05
CA THR A 43 -7.51 -9.44 8.21
C THR A 43 -6.01 -9.37 7.83
N CYS A 44 -5.79 -9.78 6.58
CA CYS A 44 -4.52 -10.07 5.87
C CYS A 44 -4.51 -11.53 5.44
N HIS A 45 -4.44 -11.70 4.13
CA HIS A 45 -4.09 -13.01 3.56
C HIS A 45 -2.91 -12.94 2.60
N ARG A 46 -1.78 -12.70 3.25
CA ARG A 46 -0.92 -13.83 3.60
C ARG A 46 -0.97 -14.02 5.13
N ASP A 47 -0.11 -13.28 5.83
CA ASP A 47 -0.07 -13.03 7.28
C ASP A 47 0.21 -11.53 7.46
N LYS A 48 0.07 -10.98 8.66
CA LYS A 48 0.23 -9.53 8.86
C LYS A 48 1.69 -9.11 9.22
N ASN A 49 2.62 -9.97 8.83
CA ASN A 49 4.07 -9.68 8.71
C ASN A 49 4.62 -9.78 7.27
N CYS A 50 3.67 -9.86 6.33
CA CYS A 50 3.81 -9.81 4.85
C CYS A 50 4.60 -8.53 4.50
N VAL A 51 5.80 -8.70 3.97
CA VAL A 51 6.90 -7.76 4.23
C VAL A 51 7.09 -6.88 3.01
N ILE A 52 7.04 -5.58 3.26
CA ILE A 52 7.55 -4.60 2.27
C ILE A 52 8.35 -3.41 2.81
N ASN A 53 9.63 -3.64 2.65
CA ASN A 53 10.63 -2.61 2.30
C ASN A 53 11.15 -3.09 0.93
N LYS A 54 12.46 -3.27 0.70
CA LYS A 54 12.90 -3.93 -0.55
C LYS A 54 13.95 -5.06 -0.50
N VAL A 55 13.64 -6.02 0.36
CA VAL A 55 14.30 -7.34 0.49
C VAL A 55 13.31 -8.47 0.08
N THR A 56 12.11 -8.02 -0.25
CA THR A 56 10.85 -8.54 0.31
C THR A 56 9.80 -9.14 -0.66
N ARG A 57 8.55 -8.91 -0.25
CA ARG A 57 7.26 -8.98 -0.98
C ARG A 57 6.94 -10.35 -1.60
N ASN A 58 6.21 -11.22 -0.87
CA ASN A 58 5.54 -11.05 0.44
C ASN A 58 4.52 -9.88 0.52
N ARG A 59 3.71 -9.74 -0.52
CA ARG A 59 2.75 -8.65 -0.62
C ARG A 59 1.31 -9.19 -0.70
N CYS A 60 0.42 -8.44 -0.07
CA CYS A 60 -1.01 -8.76 0.12
C CYS A 60 -1.79 -7.47 0.37
N GLN A 61 -3.11 -7.62 0.51
CA GLN A 61 -4.00 -6.56 0.98
C GLN A 61 -3.76 -5.92 2.35
N TYR A 62 -4.46 -6.39 3.38
CA TYR A 62 -4.59 -5.66 4.66
C TYR A 62 -3.29 -5.17 5.29
N CYS A 63 -2.35 -6.09 5.28
CA CYS A 63 -0.99 -5.86 5.80
C CYS A 63 -0.39 -4.52 5.36
N ARG A 64 -0.31 -4.35 4.06
CA ARG A 64 0.33 -3.16 3.49
C ARG A 64 -0.64 -2.24 2.71
N LEU A 65 -1.95 -2.53 2.81
CA LEU A 65 -2.94 -1.43 2.84
C LEU A 65 -2.61 -0.56 4.04
N GLN A 66 -2.44 -1.25 5.15
CA GLN A 66 -2.30 -0.66 6.49
C GLN A 66 -0.90 -0.10 6.80
N LYS A 67 0.15 -0.69 6.20
CA LYS A 67 1.47 -0.03 6.16
C LYS A 67 1.56 1.15 5.16
N CYS A 68 0.98 1.03 3.97
CA CYS A 68 0.84 2.21 3.08
C CYS A 68 -0.03 3.32 3.73
N PHE A 69 -1.08 2.88 4.41
CA PHE A 69 -1.91 3.67 5.35
C PHE A 69 -1.24 4.38 6.53
N GLU A 70 -0.08 3.89 6.95
CA GLU A 70 0.76 4.63 7.90
C GLU A 70 1.12 6.05 7.43
N VAL A 71 1.04 6.21 6.10
CA VAL A 71 1.18 7.51 5.41
C VAL A 71 -0.18 7.77 4.72
N GLY A 72 -1.23 7.65 5.56
CA GLY A 72 -2.69 7.81 5.30
C GLY A 72 -3.11 8.45 3.98
N MET A 73 -2.95 7.55 3.05
CA MET A 73 -3.31 7.71 1.64
C MET A 73 -4.83 7.64 1.63
N SER A 74 -5.43 8.43 0.74
CA SER A 74 -6.90 8.40 0.68
C SER A 74 -7.56 7.77 -0.55
N LYS A 75 -7.27 6.48 -0.59
CA LYS A 75 -8.35 5.49 -0.55
C LYS A 75 -8.43 5.07 0.92
N GLU A 76 -9.44 5.62 1.56
CA GLU A 76 -9.40 6.05 2.95
C GLU A 76 -10.28 5.07 3.76
N SER A 77 -11.51 5.48 4.05
CA SER A 77 -12.62 4.58 4.34
C SER A 77 -13.53 4.68 3.12
N VAL A 78 -13.01 3.99 2.11
CA VAL A 78 -13.38 4.16 0.71
C VAL A 78 -14.12 2.96 0.15
N ARG A 79 -15.29 3.24 -0.38
CA ARG A 79 -15.98 4.54 -0.32
C ARG A 79 -17.21 4.40 0.58
N ASN A 80 -16.87 4.13 1.84
CA ASN A 80 -17.76 3.52 2.82
C ASN A 80 -17.88 4.25 4.17
N MET A 1 20.82 -3.48 -1.18
CA MET A 1 19.56 -3.17 -0.45
C MET A 1 18.85 -1.88 -0.93
N PRO A 2 17.58 -1.99 -1.35
CA PRO A 2 16.74 -0.81 -1.65
C PRO A 2 16.51 0.04 -0.39
N ARG A 3 16.97 1.29 -0.46
CA ARG A 3 16.75 2.28 0.61
C ARG A 3 15.26 2.62 0.79
N VAL A 4 14.91 2.84 2.05
CA VAL A 4 13.53 3.13 2.47
C VAL A 4 13.10 4.55 2.04
N TYR A 5 12.47 4.58 0.88
CA TYR A 5 11.73 5.75 0.38
C TYR A 5 10.26 5.36 0.10
N LYS A 6 9.83 5.31 -1.17
CA LYS A 6 8.42 5.01 -1.52
C LYS A 6 8.08 3.95 -2.58
N PRO A 7 7.77 4.12 -3.87
CA PRO A 7 6.94 5.14 -4.52
C PRO A 7 5.45 5.00 -4.25
N CYS A 8 5.18 4.63 -3.01
CA CYS A 8 4.18 3.59 -2.69
C CYS A 8 3.13 3.72 -1.58
N PHE A 9 3.38 4.25 -0.38
CA PHE A 9 4.64 4.82 0.11
C PHE A 9 5.66 3.85 0.79
N VAL A 10 5.36 2.56 0.72
CA VAL A 10 6.10 1.53 1.49
C VAL A 10 6.60 0.26 0.75
N CYS A 11 6.67 0.39 -0.56
CA CYS A 11 7.03 -0.70 -1.52
C CYS A 11 8.07 -0.33 -2.61
N GLN A 12 9.20 0.35 -2.42
CA GLN A 12 9.88 0.96 -1.24
C GLN A 12 10.86 2.11 -1.65
N ASP A 13 10.67 2.74 -2.83
CA ASP A 13 11.70 3.63 -3.43
C ASP A 13 11.34 4.97 -4.14
N LYS A 14 11.10 5.03 -5.45
CA LYS A 14 10.92 6.33 -6.18
C LYS A 14 9.59 7.07 -5.88
N SER A 15 8.94 7.87 -6.75
CA SER A 15 7.53 8.36 -6.55
C SER A 15 6.62 8.40 -7.78
N SER A 16 5.40 7.91 -7.60
CA SER A 16 4.48 7.70 -8.74
C SER A 16 3.22 8.57 -8.77
N GLY A 17 3.42 9.89 -8.96
CA GLY A 17 2.32 10.86 -9.16
C GLY A 17 2.64 12.34 -8.87
N TYR A 18 1.95 12.99 -7.92
CA TYR A 18 1.06 12.32 -6.96
C TYR A 18 -0.48 12.60 -6.93
N HIS A 19 -1.17 11.62 -6.33
CA HIS A 19 -2.63 11.53 -6.14
C HIS A 19 -3.03 11.99 -4.72
N TYR A 20 -3.30 11.06 -3.79
CA TYR A 20 -3.86 11.40 -2.47
C TYR A 20 -2.95 11.27 -1.23
N GLY A 21 -2.37 12.40 -0.83
CA GLY A 21 -1.80 12.65 0.52
C GLY A 21 -0.43 12.06 0.87
N VAL A 22 -0.09 10.97 0.18
CA VAL A 22 1.12 10.14 0.35
C VAL A 22 2.03 10.34 -0.88
N SER A 23 2.80 9.31 -1.13
CA SER A 23 3.31 8.95 -2.46
C SER A 23 2.98 7.49 -2.68
N ALA A 24 2.18 7.28 -3.71
CA ALA A 24 1.76 5.94 -4.09
C ALA A 24 2.05 5.49 -5.52
N CYS A 25 2.22 4.17 -5.59
CA CYS A 25 2.98 3.46 -6.64
C CYS A 25 2.25 3.34 -8.01
N GLU A 26 1.15 4.09 -8.10
CA GLU A 26 0.10 4.06 -9.15
C GLU A 26 -0.61 2.70 -9.17
N GLY A 27 0.23 1.65 -9.19
CA GLY A 27 -0.12 0.28 -8.81
C GLY A 27 -0.76 0.28 -7.41
N CYS A 28 -0.15 0.98 -6.44
CA CYS A 28 -0.76 1.10 -5.11
C CYS A 28 -2.08 1.86 -5.06
N LYS A 29 -2.24 2.97 -5.76
CA LYS A 29 -3.57 3.66 -5.81
C LYS A 29 -4.65 2.74 -6.41
N GLY A 30 -4.29 2.00 -7.46
CA GLY A 30 -5.10 0.94 -8.09
C GLY A 30 -5.52 -0.12 -7.05
N PHE A 31 -4.49 -0.69 -6.42
CA PHE A 31 -4.60 -1.63 -5.28
C PHE A 31 -5.45 -1.11 -4.11
N PHE A 32 -5.41 0.19 -3.91
CA PHE A 32 -5.93 0.86 -2.69
C PHE A 32 -7.45 0.92 -2.85
N ARG A 33 -7.89 1.40 -4.01
CA ARG A 33 -9.29 1.27 -4.47
C ARG A 33 -9.78 -0.17 -4.58
N ARG A 34 -8.94 -1.00 -5.17
CA ARG A 34 -9.25 -2.40 -5.43
C ARG A 34 -9.39 -3.30 -4.20
N SER A 35 -8.70 -2.95 -3.11
CA SER A 35 -8.93 -3.62 -1.85
C SER A 35 -9.35 -2.75 -0.65
N ILE A 36 -9.94 -1.60 -0.97
CA ILE A 36 -10.84 -0.93 -0.02
C ILE A 36 -12.27 -0.68 -0.55
N GLN A 37 -12.32 0.01 -1.69
CA GLN A 37 -13.58 0.55 -2.24
C GLN A 37 -14.61 -0.60 -2.47
N LYS A 38 -14.06 -1.52 -3.25
CA LYS A 38 -14.17 -2.98 -3.13
C LYS A 38 -12.73 -3.42 -2.83
N ASN A 39 -12.34 -4.65 -2.64
CA ASN A 39 -13.09 -5.90 -2.38
C ASN A 39 -12.57 -6.55 -1.08
N MET A 40 -12.46 -5.69 -0.06
CA MET A 40 -11.93 -6.08 1.25
C MET A 40 -13.01 -6.32 2.32
N ILE A 41 -12.84 -7.51 2.85
CA ILE A 41 -12.89 -7.76 4.29
C ILE A 41 -11.68 -8.66 4.63
N TYR A 42 -10.86 -8.21 5.57
CA TYR A 42 -9.49 -8.73 5.77
C TYR A 42 -8.93 -8.48 7.17
N THR A 43 -8.10 -9.43 7.59
CA THR A 43 -7.09 -9.15 8.63
C THR A 43 -5.63 -9.25 8.15
N CYS A 44 -5.46 -10.13 7.16
CA CYS A 44 -4.31 -10.30 6.25
C CYS A 44 -4.12 -11.76 5.86
N HIS A 45 -4.29 -12.01 4.56
CA HIS A 45 -3.91 -13.30 3.98
C HIS A 45 -2.90 -13.23 2.84
N ARG A 46 -1.71 -12.88 3.28
CA ARG A 46 -0.70 -13.90 3.58
C ARG A 46 -0.63 -14.03 5.12
N ASP A 47 0.16 -13.16 5.74
CA ASP A 47 0.25 -12.88 7.18
C ASP A 47 0.34 -11.37 7.39
N LYS A 48 0.30 -10.90 8.63
CA LYS A 48 0.36 -9.45 8.90
C LYS A 48 1.81 -8.94 9.13
N ASN A 49 2.77 -9.77 8.71
CA ASN A 49 4.20 -9.43 8.54
C ASN A 49 4.66 -9.57 7.06
N CYS A 50 3.71 -9.29 6.18
CA CYS A 50 3.80 -9.37 4.71
C CYS A 50 4.33 -7.97 4.30
N VAL A 51 5.62 -7.97 3.97
CA VAL A 51 6.49 -6.78 3.88
C VAL A 51 6.90 -6.36 2.48
N ILE A 52 7.00 -5.04 2.28
CA ILE A 52 7.60 -4.53 1.03
C ILE A 52 8.75 -3.53 1.12
N ASN A 53 9.74 -3.95 1.89
CA ASN A 53 11.09 -3.34 1.91
C ASN A 53 12.16 -4.38 1.62
N LYS A 54 12.84 -4.22 0.49
CA LYS A 54 12.65 -5.21 -0.59
C LYS A 54 13.78 -6.24 -0.70
N VAL A 55 13.57 -7.15 0.23
CA VAL A 55 14.17 -8.50 0.37
C VAL A 55 13.07 -9.60 0.16
N THR A 56 11.86 -9.09 0.02
CA THR A 56 10.60 -9.60 0.59
C THR A 56 9.46 -9.93 -0.41
N ARG A 57 8.35 -9.20 -0.31
CA ARG A 57 7.09 -9.27 -1.09
C ARG A 57 6.61 -10.71 -1.40
N ASN A 58 5.88 -11.32 -0.47
CA ASN A 58 5.28 -10.81 0.81
C ASN A 58 4.27 -9.67 0.62
N ARG A 59 3.50 -9.75 -0.47
CA ARG A 59 2.48 -8.75 -0.75
C ARG A 59 1.09 -9.43 -0.87
N CYS A 60 0.13 -8.70 -0.35
CA CYS A 60 -1.28 -9.09 -0.12
C CYS A 60 -2.07 -7.77 0.03
N GLN A 61 -3.33 -7.90 0.45
CA GLN A 61 -4.13 -6.74 0.85
C GLN A 61 -3.81 -6.03 2.17
N TYR A 62 -4.42 -6.47 3.26
CA TYR A 62 -4.42 -5.72 4.54
C TYR A 62 -3.04 -5.23 4.96
N CYS A 63 -2.09 -6.14 4.87
CA CYS A 63 -0.68 -5.86 5.22
C CYS A 63 -0.12 -4.52 4.76
N ARG A 64 -0.12 -4.28 3.44
CA ARG A 64 0.38 -3.02 2.90
C ARG A 64 -0.71 -2.12 2.29
N LEU A 65 -2.00 -2.48 2.48
CA LEU A 65 -3.03 -1.44 2.62
C LEU A 65 -2.65 -0.58 3.83
N GLN A 66 -2.38 -1.32 4.90
CA GLN A 66 -2.30 -0.86 6.29
C GLN A 66 -0.92 -0.28 6.65
N LYS A 67 0.13 -0.89 6.14
CA LYS A 67 1.47 -0.30 6.19
C LYS A 67 1.70 0.88 5.23
N CYS A 68 1.12 0.88 4.02
CA CYS A 68 1.05 2.12 3.21
C CYS A 68 0.11 3.17 3.84
N PHE A 69 -0.98 2.71 4.45
CA PHE A 69 -1.88 3.47 5.36
C PHE A 69 -1.26 4.15 6.58
N GLU A 70 -0.13 3.63 7.03
CA GLU A 70 0.75 4.36 7.97
C GLU A 70 1.09 5.78 7.52
N VAL A 71 1.00 5.97 6.22
CA VAL A 71 1.09 7.29 5.53
C VAL A 71 -0.28 7.51 4.82
N GLY A 72 -1.33 7.40 5.65
CA GLY A 72 -2.78 7.58 5.37
C GLY A 72 -3.15 8.27 4.06
N MET A 73 -3.08 7.37 3.10
CA MET A 73 -3.41 7.58 1.69
C MET A 73 -4.93 7.61 1.60
N SER A 74 -5.44 8.28 0.58
CA SER A 74 -6.90 8.27 0.39
C SER A 74 -7.55 7.58 -0.80
N LYS A 75 -7.29 6.28 -0.78
CA LYS A 75 -8.39 5.31 -0.67
C LYS A 75 -8.40 4.90 0.80
N GLU A 76 -9.35 5.53 1.48
CA GLU A 76 -9.19 5.90 2.89
C GLU A 76 -10.15 5.00 3.70
N SER A 77 -11.35 5.51 3.95
CA SER A 77 -12.54 4.73 4.31
C SER A 77 -13.46 4.89 3.10
N VAL A 78 -13.07 4.10 2.12
CA VAL A 78 -13.45 4.29 0.71
C VAL A 78 -14.38 3.22 0.15
N ARG A 79 -15.39 3.73 -0.54
CA ARG A 79 -15.61 5.16 -0.82
C ARG A 79 -16.84 5.74 -0.10
N ASN A 80 -16.55 6.33 1.05
CA ASN A 80 -17.54 7.06 1.85
C ASN A 80 -17.12 8.53 2.10
N MET A 1 21.96 2.11 2.25
CA MET A 1 20.65 1.59 1.81
C MET A 1 19.46 1.89 2.79
N PRO A 2 18.52 2.75 2.37
CA PRO A 2 17.40 3.18 3.22
C PRO A 2 16.33 2.07 3.38
N ARG A 3 15.26 2.15 2.59
CA ARG A 3 14.07 1.28 2.69
C ARG A 3 13.89 0.17 1.63
N VAL A 4 14.28 0.25 0.36
CA VAL A 4 15.02 1.31 -0.36
C VAL A 4 14.35 2.68 -0.51
N TYR A 5 13.33 2.76 -1.36
CA TYR A 5 12.51 3.98 -1.54
C TYR A 5 11.02 3.65 -1.35
N LYS A 6 10.12 4.06 -2.25
CA LYS A 6 8.67 3.87 -2.06
C LYS A 6 7.88 2.95 -2.99
N PRO A 7 7.45 3.27 -4.22
CA PRO A 7 6.89 4.55 -4.71
C PRO A 7 5.43 4.71 -4.30
N CYS A 8 5.16 4.19 -3.11
CA CYS A 8 3.95 3.39 -2.87
C CYS A 8 2.95 3.65 -1.73
N PHE A 9 3.33 4.04 -0.52
CA PHE A 9 4.66 4.46 -0.07
C PHE A 9 5.63 3.37 0.49
N VAL A 10 5.27 2.13 0.18
CA VAL A 10 5.74 0.93 0.87
C VAL A 10 6.33 -0.26 0.08
N CYS A 11 5.96 -0.29 -1.20
CA CYS A 11 6.34 -1.36 -2.14
C CYS A 11 7.03 -0.79 -3.38
N GLN A 12 8.35 -0.54 -3.45
CA GLN A 12 9.36 -0.22 -2.41
C GLN A 12 10.55 0.62 -2.98
N ASP A 13 10.29 1.41 -4.04
CA ASP A 13 11.27 2.10 -4.94
C ASP A 13 10.74 2.42 -6.37
N LYS A 14 10.79 3.65 -6.90
CA LYS A 14 11.30 4.89 -6.28
C LYS A 14 10.15 5.79 -5.80
N SER A 15 9.79 6.90 -6.46
CA SER A 15 8.45 7.57 -6.28
C SER A 15 7.76 7.91 -7.59
N SER A 16 6.47 7.58 -7.63
CA SER A 16 5.58 7.80 -8.76
C SER A 16 4.94 9.20 -8.69
N GLY A 17 3.95 9.36 -9.55
CA GLY A 17 3.06 10.54 -9.68
C GLY A 17 1.67 10.06 -9.22
N TYR A 18 1.14 10.76 -8.23
CA TYR A 18 -0.02 10.28 -7.45
C TYR A 18 -0.89 11.41 -6.86
N HIS A 19 -1.84 10.90 -6.08
CA HIS A 19 -3.02 11.61 -5.57
C HIS A 19 -2.83 12.10 -4.11
N TYR A 20 -3.28 11.27 -3.17
CA TYR A 20 -3.57 11.68 -1.78
C TYR A 20 -2.43 11.41 -0.78
N GLY A 21 -1.50 12.37 -0.82
CA GLY A 21 -0.66 12.80 0.34
C GLY A 21 0.30 11.80 1.00
N VAL A 22 0.68 10.78 0.23
CA VAL A 22 1.69 9.75 0.54
C VAL A 22 2.86 9.92 -0.44
N SER A 23 3.46 8.81 -0.80
CA SER A 23 3.92 8.60 -2.18
C SER A 23 3.18 7.35 -2.65
N ALA A 24 2.44 7.48 -3.75
CA ALA A 24 1.78 6.29 -4.26
C ALA A 24 2.20 5.84 -5.66
N CYS A 25 2.18 4.51 -5.70
CA CYS A 25 2.85 3.67 -6.73
C CYS A 25 2.06 3.64 -8.06
N GLU A 26 1.04 4.51 -8.08
CA GLU A 26 -0.01 4.78 -9.11
C GLU A 26 -0.83 3.54 -9.46
N GLY A 27 -0.13 2.42 -9.52
CA GLY A 27 -0.72 1.07 -9.30
C GLY A 27 -1.34 0.98 -7.90
N CYS A 28 -0.68 1.57 -6.89
CA CYS A 28 -1.18 1.50 -5.50
C CYS A 28 -2.41 2.30 -5.13
N LYS A 29 -2.56 3.51 -5.66
CA LYS A 29 -3.85 4.24 -5.55
C LYS A 29 -5.01 3.42 -6.16
N GLY A 30 -4.73 2.75 -7.29
CA GLY A 30 -5.63 1.79 -7.95
C GLY A 30 -6.02 0.63 -7.02
N PHE A 31 -4.98 -0.07 -6.55
CA PHE A 31 -5.08 -1.08 -5.47
C PHE A 31 -5.85 -0.66 -4.21
N PHE A 32 -5.73 0.62 -3.89
CA PHE A 32 -6.18 1.20 -2.62
C PHE A 32 -7.72 1.25 -2.71
N ARG A 33 -8.23 1.91 -3.75
CA ARG A 33 -9.67 1.85 -4.07
C ARG A 33 -10.20 0.46 -4.39
N ARG A 34 -9.41 -0.29 -5.15
CA ARG A 34 -9.80 -1.61 -5.60
C ARG A 34 -10.11 -2.61 -4.48
N SER A 35 -9.33 -2.50 -3.40
CA SER A 35 -9.77 -3.13 -2.16
C SER A 35 -10.85 -2.32 -1.46
N ILE A 36 -10.46 -1.15 -0.99
CA ILE A 36 -11.22 -0.41 0.03
C ILE A 36 -12.63 0.00 -0.40
N GLN A 37 -12.67 0.64 -1.56
CA GLN A 37 -13.84 1.38 -2.02
C GLN A 37 -15.04 0.45 -2.31
N LYS A 38 -14.68 -0.71 -2.82
CA LYS A 38 -15.56 -1.73 -3.39
C LYS A 38 -15.49 -3.13 -2.76
N ASN A 39 -14.32 -3.73 -2.79
CA ASN A 39 -14.15 -5.16 -2.47
C ASN A 39 -13.03 -5.61 -1.51
N MET A 40 -12.99 -4.99 -0.32
CA MET A 40 -12.16 -5.52 0.78
C MET A 40 -12.96 -6.13 1.93
N ILE A 41 -12.66 -7.40 2.08
CA ILE A 41 -12.62 -8.02 3.40
C ILE A 41 -11.32 -8.87 3.49
N TYR A 42 -10.56 -8.61 4.55
CA TYR A 42 -9.16 -9.04 4.65
C TYR A 42 -8.62 -8.96 6.07
N THR A 43 -7.84 -9.98 6.42
CA THR A 43 -6.89 -9.94 7.55
C THR A 43 -5.76 -10.91 7.22
N CYS A 44 -4.72 -10.29 6.68
CA CYS A 44 -3.45 -10.91 6.25
C CYS A 44 -3.20 -12.33 6.78
N HIS A 45 -3.28 -13.40 5.98
CA HIS A 45 -3.39 -13.53 4.51
C HIS A 45 -2.71 -12.52 3.56
N ARG A 46 -1.38 -12.52 3.59
CA ARG A 46 -0.55 -13.75 3.80
C ARG A 46 -0.26 -14.02 5.30
N ASP A 47 0.68 -13.26 5.84
CA ASP A 47 0.90 -13.05 7.29
C ASP A 47 1.09 -11.54 7.50
N LYS A 48 0.89 -11.04 8.70
CA LYS A 48 0.96 -9.58 8.93
C LYS A 48 2.38 -9.05 9.23
N ASN A 49 3.34 -9.77 8.64
CA ASN A 49 4.74 -9.33 8.36
C ASN A 49 5.14 -9.34 6.86
N CYS A 50 4.16 -9.61 6.00
CA CYS A 50 4.18 -9.62 4.52
C CYS A 50 4.67 -8.30 3.92
N VAL A 51 5.79 -8.36 3.20
CA VAL A 51 7.13 -8.11 3.74
C VAL A 51 7.72 -6.72 3.47
N ILE A 52 6.92 -5.96 2.75
CA ILE A 52 7.38 -4.95 1.78
C ILE A 52 8.24 -3.83 2.41
N ASN A 53 9.50 -4.26 2.44
CA ASN A 53 10.73 -3.45 2.66
C ASN A 53 11.59 -3.67 1.39
N LYS A 54 12.90 -3.91 1.53
CA LYS A 54 13.76 -4.29 0.41
C LYS A 54 14.29 -5.75 0.34
N VAL A 55 14.20 -6.48 1.44
CA VAL A 55 14.53 -7.92 1.51
C VAL A 55 13.17 -8.62 1.68
N THR A 56 12.55 -8.52 0.52
CA THR A 56 11.09 -8.42 0.45
C THR A 56 10.20 -9.39 -0.36
N ARG A 57 8.95 -8.96 -0.17
CA ARG A 57 7.64 -9.31 -0.77
C ARG A 57 7.24 -10.79 -0.91
N ASN A 58 5.97 -10.92 -1.29
CA ASN A 58 5.01 -11.80 -0.60
C ASN A 58 3.68 -11.93 -1.38
N ARG A 59 2.95 -10.88 -1.78
CA ARG A 59 2.71 -9.53 -1.26
C ARG A 59 1.17 -9.43 -1.24
N CYS A 60 0.61 -8.84 -0.20
CA CYS A 60 -0.85 -8.93 0.06
C CYS A 60 -1.55 -7.57 0.10
N GLN A 61 -2.88 -7.67 0.08
CA GLN A 61 -3.75 -6.51 0.37
C GLN A 61 -3.54 -5.83 1.72
N TYR A 62 -4.12 -6.41 2.78
CA TYR A 62 -4.18 -5.79 4.10
C TYR A 62 -2.85 -5.29 4.67
N CYS A 63 -1.81 -6.11 4.48
CA CYS A 63 -0.47 -5.75 4.99
C CYS A 63 0.06 -4.44 4.41
N ARG A 64 -0.08 -4.30 3.11
CA ARG A 64 0.43 -3.13 2.36
C ARG A 64 -0.62 -2.06 2.06
N LEU A 65 -1.92 -2.41 2.16
CA LEU A 65 -2.99 -1.41 2.32
C LEU A 65 -2.68 -0.60 3.57
N GLN A 66 -2.39 -1.35 4.63
CA GLN A 66 -2.26 -0.83 5.99
C GLN A 66 -0.89 -0.25 6.34
N LYS A 67 0.15 -0.76 5.69
CA LYS A 67 1.45 -0.06 5.62
C LYS A 67 1.44 1.22 4.78
N CYS A 68 0.83 1.21 3.60
CA CYS A 68 0.60 2.46 2.82
C CYS A 68 -0.36 3.42 3.55
N PHE A 69 -1.30 2.84 4.30
CA PHE A 69 -2.12 3.52 5.32
C PHE A 69 -1.42 4.19 6.50
N GLU A 70 -0.31 3.62 6.92
CA GLU A 70 0.59 4.31 7.87
C GLU A 70 1.05 5.69 7.38
N VAL A 71 0.98 5.84 6.05
CA VAL A 71 1.20 7.10 5.33
C VAL A 71 -0.14 7.44 4.62
N GLY A 72 -1.20 7.34 5.42
CA GLY A 72 -2.64 7.54 5.14
C GLY A 72 -2.99 8.41 3.94
N MET A 73 -2.97 7.66 2.84
CA MET A 73 -3.55 8.10 1.56
C MET A 73 -5.07 8.25 1.82
N SER A 74 -5.72 8.90 0.86
CA SER A 74 -7.18 8.81 0.82
C SER A 74 -7.89 8.12 -0.34
N LYS A 75 -7.52 6.86 -0.40
CA LYS A 75 -8.53 5.78 -0.35
C LYS A 75 -8.46 5.30 1.08
N GLU A 76 -9.38 5.85 1.86
CA GLU A 76 -9.21 6.17 3.27
C GLU A 76 -10.09 5.15 4.05
N SER A 77 -11.28 5.58 4.49
CA SER A 77 -12.40 4.67 4.80
C SER A 77 -13.41 4.94 3.69
N VAL A 78 -13.04 4.30 2.58
CA VAL A 78 -13.52 4.60 1.24
C VAL A 78 -14.43 3.54 0.65
N ARG A 79 -15.53 4.01 0.11
CA ARG A 79 -15.99 5.43 0.16
C ARG A 79 -17.26 5.55 1.01
N ASN A 80 -17.02 5.52 2.32
CA ASN A 80 -18.07 5.38 3.34
C ASN A 80 -18.03 6.41 4.50
N MET A 1 13.47 -1.69 4.73
CA MET A 1 14.84 -2.25 4.86
C MET A 1 15.27 -3.15 3.66
N PRO A 2 16.27 -2.68 2.90
CA PRO A 2 16.74 -1.29 2.83
C PRO A 2 15.69 -0.37 2.18
N ARG A 3 15.80 0.91 2.50
CA ARG A 3 14.95 1.95 1.91
C ARG A 3 15.82 2.99 1.20
N VAL A 4 15.87 2.85 -0.12
CA VAL A 4 16.53 3.86 -0.99
C VAL A 4 15.47 4.89 -1.37
N TYR A 5 14.73 4.56 -2.41
CA TYR A 5 13.49 5.28 -2.76
C TYR A 5 12.26 4.38 -2.68
N LYS A 6 11.19 5.08 -2.34
CA LYS A 6 9.86 4.51 -2.00
C LYS A 6 8.99 4.31 -3.26
N PRO A 7 8.67 5.35 -4.02
CA PRO A 7 7.72 6.42 -3.66
C PRO A 7 6.27 5.92 -3.82
N CYS A 8 6.08 4.88 -3.04
CA CYS A 8 4.85 4.06 -3.03
C CYS A 8 3.70 4.23 -2.03
N PHE A 9 3.89 4.53 -0.75
CA PHE A 9 5.15 4.92 -0.09
C PHE A 9 5.98 3.75 0.51
N VAL A 10 5.50 2.55 0.19
CA VAL A 10 5.88 1.30 0.86
C VAL A 10 6.42 0.10 0.07
N CYS A 11 6.03 0.01 -1.18
CA CYS A 11 6.47 -1.02 -2.16
C CYS A 11 7.54 -0.28 -2.98
N GLN A 12 8.68 -0.52 -2.34
CA GLN A 12 9.70 0.45 -1.96
C GLN A 12 10.77 0.61 -3.04
N ASP A 13 10.26 1.34 -4.04
CA ASP A 13 10.98 1.84 -5.21
C ASP A 13 10.23 2.62 -6.28
N LYS A 14 8.94 2.32 -6.45
CA LYS A 14 8.19 2.87 -7.59
C LYS A 14 7.06 3.83 -7.23
N SER A 15 7.07 4.87 -8.08
CA SER A 15 6.31 6.13 -7.98
C SER A 15 5.40 6.28 -9.23
N SER A 16 4.68 7.36 -9.52
CA SER A 16 4.60 8.73 -8.97
C SER A 16 3.18 9.27 -9.26
N GLY A 17 3.06 10.46 -9.87
CA GLY A 17 1.82 11.16 -10.27
C GLY A 17 0.62 10.77 -9.40
N TYR A 18 0.75 11.13 -8.12
CA TYR A 18 -0.09 10.52 -7.09
C TYR A 18 -1.05 11.47 -6.37
N HIS A 19 -1.72 10.80 -5.45
CA HIS A 19 -3.04 11.12 -4.92
C HIS A 19 -2.96 11.22 -3.39
N TYR A 20 -3.92 11.99 -2.83
CA TYR A 20 -4.25 12.06 -1.40
C TYR A 20 -3.22 12.79 -0.51
N GLY A 21 -2.03 12.22 -0.38
CA GLY A 21 -0.99 12.75 0.52
C GLY A 21 -0.10 11.71 1.23
N VAL A 22 0.61 10.98 0.38
CA VAL A 22 1.70 10.03 0.71
C VAL A 22 2.91 10.38 -0.17
N SER A 23 3.69 9.36 -0.50
CA SER A 23 4.31 9.29 -1.83
C SER A 23 3.70 8.03 -2.45
N ALA A 24 3.03 8.10 -3.59
CA ALA A 24 2.46 6.87 -4.15
C ALA A 24 2.91 6.48 -5.56
N CYS A 25 2.83 5.16 -5.64
CA CYS A 25 3.30 4.33 -6.76
C CYS A 25 2.31 4.35 -7.96
N GLU A 26 1.29 5.17 -7.79
CA GLU A 26 0.01 5.32 -8.57
C GLU A 26 -0.72 4.00 -8.83
N GLY A 27 0.07 2.96 -9.12
CA GLY A 27 -0.28 1.54 -8.95
C GLY A 27 -0.73 1.28 -7.51
N CYS A 28 -0.11 1.94 -6.53
CA CYS A 28 -0.58 1.85 -5.14
C CYS A 28 -1.91 2.52 -4.80
N LYS A 29 -2.19 3.69 -5.36
CA LYS A 29 -3.56 4.25 -5.34
C LYS A 29 -4.56 3.25 -5.99
N GLY A 30 -4.15 2.71 -7.13
CA GLY A 30 -4.89 1.64 -7.86
C GLY A 30 -5.26 0.48 -6.91
N PHE A 31 -4.22 -0.11 -6.33
CA PHE A 31 -4.28 -1.13 -5.26
C PHE A 31 -5.18 -0.78 -4.07
N PHE A 32 -5.17 0.52 -3.75
CA PHE A 32 -5.72 1.05 -2.50
C PHE A 32 -7.25 1.05 -2.65
N ARG A 33 -7.75 1.66 -3.72
CA ARG A 33 -9.17 1.53 -4.09
C ARG A 33 -9.58 0.10 -4.44
N ARG A 34 -8.68 -0.59 -5.13
CA ARG A 34 -8.93 -1.95 -5.62
C ARG A 34 -9.24 -2.98 -4.54
N SER A 35 -8.61 -2.80 -3.40
CA SER A 35 -9.13 -3.39 -2.16
C SER A 35 -10.27 -2.59 -1.57
N ILE A 36 -9.93 -1.43 -1.03
CA ILE A 36 -10.77 -0.73 -0.04
C ILE A 36 -12.17 -0.37 -0.55
N GLN A 37 -12.16 0.27 -1.71
CA GLN A 37 -13.35 0.95 -2.24
C GLN A 37 -14.55 0.03 -2.47
N LYS A 38 -14.17 -1.18 -2.85
CA LYS A 38 -15.02 -2.28 -3.31
C LYS A 38 -14.93 -3.59 -2.49
N ASN A 39 -13.76 -4.21 -2.54
CA ASN A 39 -13.57 -5.62 -2.13
C ASN A 39 -12.36 -5.95 -1.22
N MET A 40 -12.28 -5.27 -0.07
CA MET A 40 -11.25 -5.60 0.94
C MET A 40 -11.78 -6.45 2.08
N ILE A 41 -11.83 -7.68 1.62
CA ILE A 41 -12.27 -8.80 2.44
C ILE A 41 -11.09 -9.77 2.47
N TYR A 42 -10.24 -9.48 3.45
CA TYR A 42 -8.81 -9.85 3.46
C TYR A 42 -8.20 -10.33 4.79
N THR A 43 -8.00 -9.40 5.73
CA THR A 43 -7.21 -9.57 6.97
C THR A 43 -6.56 -10.93 7.22
N CYS A 44 -5.40 -11.17 6.63
CA CYS A 44 -4.63 -10.20 5.80
C CYS A 44 -4.73 -10.25 4.25
N HIS A 45 -4.69 -11.38 3.56
CA HIS A 45 -4.37 -12.72 4.10
C HIS A 45 -3.15 -13.39 3.50
N ARG A 46 -2.04 -12.85 3.98
CA ARG A 46 -0.89 -13.69 4.29
C ARG A 46 -0.76 -13.63 5.83
N ASP A 47 0.03 -12.66 6.29
CA ASP A 47 0.20 -12.23 7.67
C ASP A 47 0.34 -10.70 7.67
N LYS A 48 0.40 -10.09 8.84
CA LYS A 48 0.53 -8.62 8.93
C LYS A 48 1.96 -8.11 9.17
N ASN A 49 2.93 -8.91 8.70
CA ASN A 49 4.33 -8.50 8.47
C ASN A 49 4.79 -8.56 7.00
N CYS A 50 3.95 -9.17 6.18
CA CYS A 50 4.05 -9.35 4.71
C CYS A 50 4.56 -8.03 4.11
N VAL A 51 5.71 -8.11 3.44
CA VAL A 51 6.69 -7.01 3.34
C VAL A 51 6.73 -6.52 1.90
N ILE A 52 6.73 -5.20 1.73
CA ILE A 52 7.20 -4.62 0.45
C ILE A 52 8.22 -3.49 0.54
N ASN A 53 9.28 -3.85 1.25
CA ASN A 53 10.49 -2.99 1.32
C ASN A 53 11.52 -3.53 0.32
N LYS A 54 12.76 -3.83 0.72
CA LYS A 54 13.68 -4.53 -0.20
C LYS A 54 14.19 -5.94 0.20
N VAL A 55 13.98 -6.32 1.45
CA VAL A 55 14.16 -7.71 1.95
C VAL A 55 12.73 -8.23 2.14
N THR A 56 12.23 -8.46 0.94
CA THR A 56 10.80 -8.37 0.66
C THR A 56 9.96 -9.53 0.07
N ARG A 57 8.76 -9.06 -0.22
CA ARG A 57 7.56 -9.64 -0.88
C ARG A 57 7.49 -11.18 -1.01
N ASN A 58 6.65 -11.85 -0.22
CA ASN A 58 5.76 -11.38 0.88
C ASN A 58 4.71 -10.30 0.49
N ARG A 59 3.96 -10.54 -0.58
CA ARG A 59 3.06 -9.51 -1.12
C ARG A 59 1.57 -9.92 -1.03
N CYS A 60 0.81 -9.04 -0.40
CA CYS A 60 -0.63 -9.24 -0.16
C CYS A 60 -1.33 -7.87 0.04
N GLN A 61 -2.60 -7.89 0.41
CA GLN A 61 -3.37 -6.63 0.59
C GLN A 61 -3.22 -5.96 1.94
N TYR A 62 -3.97 -6.40 2.93
CA TYR A 62 -4.16 -5.66 4.21
C TYR A 62 -2.86 -5.24 4.88
N CYS A 63 -1.94 -6.18 4.95
CA CYS A 63 -0.55 -5.94 5.40
C CYS A 63 0.10 -4.65 4.92
N ARG A 64 0.00 -4.43 3.60
CA ARG A 64 0.59 -3.24 2.95
C ARG A 64 -0.42 -2.19 2.46
N LEU A 65 -1.72 -2.49 2.51
CA LEU A 65 -2.74 -1.42 2.64
C LEU A 65 -2.39 -0.59 3.86
N GLN A 66 -2.16 -1.34 4.94
CA GLN A 66 -2.03 -0.86 6.32
C GLN A 66 -0.66 -0.24 6.63
N LYS A 67 0.39 -0.81 6.06
CA LYS A 67 1.70 -0.13 6.03
C LYS A 67 1.79 1.09 5.10
N CYS A 68 1.13 1.05 3.94
CA CYS A 68 0.94 2.27 3.11
C CYS A 68 0.06 3.33 3.79
N PHE A 69 -0.97 2.84 4.47
CA PHE A 69 -1.83 3.57 5.43
C PHE A 69 -1.16 4.27 6.61
N GLU A 70 -0.03 3.74 7.06
CA GLU A 70 0.86 4.45 7.99
C GLU A 70 1.22 5.88 7.53
N VAL A 71 1.16 6.05 6.21
CA VAL A 71 1.30 7.34 5.51
C VAL A 71 -0.03 7.55 4.76
N GLY A 72 -1.09 7.56 5.58
CA GLY A 72 -2.54 7.66 5.27
C GLY A 72 -2.97 8.42 4.03
N MET A 73 -2.68 7.66 2.99
CA MET A 73 -3.18 7.78 1.61
C MET A 73 -4.69 7.57 1.83
N SER A 74 -5.49 8.35 1.12
CA SER A 74 -6.94 8.25 1.28
C SER A 74 -7.74 7.71 0.11
N LYS A 75 -7.45 6.43 -0.07
CA LYS A 75 -8.51 5.43 -0.12
C LYS A 75 -8.55 4.92 1.32
N GLU A 76 -9.54 5.43 2.03
CA GLU A 76 -9.43 5.78 3.45
C GLU A 76 -10.29 4.74 4.23
N SER A 77 -11.49 5.11 4.60
CA SER A 77 -12.62 4.19 4.85
C SER A 77 -13.53 4.37 3.63
N VAL A 78 -13.02 3.76 2.58
CA VAL A 78 -13.47 3.99 1.20
C VAL A 78 -14.23 2.82 0.63
N ARG A 79 -15.41 3.14 0.13
CA ARG A 79 -15.96 4.51 0.12
C ARG A 79 -17.23 4.71 0.96
N ASN A 80 -17.03 5.27 2.15
CA ASN A 80 -18.13 5.76 3.01
C ASN A 80 -18.00 7.23 3.45
N MET A 1 17.61 4.95 2.20
CA MET A 1 16.56 5.47 3.10
C MET A 1 15.41 4.44 3.26
N PRO A 2 15.12 3.98 4.49
CA PRO A 2 14.15 2.91 4.80
C PRO A 2 13.01 2.64 3.79
N ARG A 3 13.15 1.58 3.00
CA ARG A 3 14.32 0.68 2.98
C ARG A 3 15.35 0.98 1.86
N VAL A 4 14.85 1.30 0.67
CA VAL A 4 15.68 1.80 -0.45
C VAL A 4 15.19 3.21 -0.83
N TYR A 5 14.35 3.28 -1.86
CA TYR A 5 13.46 4.43 -2.08
C TYR A 5 12.00 3.99 -2.25
N LYS A 6 11.20 4.51 -1.32
CA LYS A 6 9.72 4.34 -1.26
C LYS A 6 8.97 3.94 -2.55
N PRO A 7 8.68 4.83 -3.52
CA PRO A 7 7.68 5.92 -3.45
C PRO A 7 6.24 5.39 -3.51
N CYS A 8 6.07 4.37 -2.69
CA CYS A 8 4.85 3.53 -2.56
C CYS A 8 3.73 3.84 -1.56
N PHE A 9 3.93 4.37 -0.36
CA PHE A 9 5.20 4.87 0.17
C PHE A 9 6.09 3.83 0.94
N VAL A 10 5.75 2.56 0.69
CA VAL A 10 6.19 1.39 1.49
C VAL A 10 6.74 0.14 0.77
N CYS A 11 6.14 -0.19 -0.36
CA CYS A 11 6.34 -1.45 -1.09
C CYS A 11 6.90 -1.19 -2.50
N GLN A 12 8.21 -0.98 -2.66
CA GLN A 12 9.24 -0.40 -1.79
C GLN A 12 10.21 0.35 -2.73
N ASP A 13 9.58 1.01 -3.70
CA ASP A 13 10.10 1.43 -5.01
C ASP A 13 9.04 1.64 -6.11
N LYS A 14 9.49 2.00 -7.32
CA LYS A 14 8.74 2.08 -8.61
C LYS A 14 7.31 2.64 -8.56
N SER A 15 7.28 3.96 -8.77
CA SER A 15 6.11 4.81 -8.48
C SER A 15 5.92 5.94 -9.51
N SER A 16 5.12 6.92 -9.11
CA SER A 16 5.02 8.32 -9.60
C SER A 16 3.62 8.75 -10.07
N GLY A 17 3.46 10.07 -9.97
CA GLY A 17 2.29 10.85 -10.39
C GLY A 17 1.24 10.86 -9.27
N TYR A 18 1.31 11.87 -8.40
CA TYR A 18 0.71 11.70 -7.06
C TYR A 18 -0.67 12.27 -6.69
N HIS A 19 -1.20 11.56 -5.71
CA HIS A 19 -2.59 11.48 -5.22
C HIS A 19 -2.56 11.63 -3.70
N TYR A 20 -3.74 11.83 -3.14
CA TYR A 20 -4.03 11.88 -1.69
C TYR A 20 -2.94 11.49 -0.65
N GLY A 21 -2.07 12.46 -0.38
CA GLY A 21 -1.33 12.53 0.90
C GLY A 21 0.07 11.88 0.95
N VAL A 22 0.27 10.88 0.11
CA VAL A 22 1.48 10.02 0.10
C VAL A 22 2.26 10.19 -1.23
N SER A 23 3.31 9.39 -1.30
CA SER A 23 3.90 9.01 -2.59
C SER A 23 3.47 7.55 -2.76
N ALA A 24 2.75 7.25 -3.82
CA ALA A 24 2.36 5.85 -4.05
C ALA A 24 2.92 5.24 -5.33
N CYS A 25 2.92 3.93 -5.24
CA CYS A 25 3.52 2.99 -6.22
C CYS A 25 2.65 2.85 -7.50
N GLU A 26 1.73 3.82 -7.60
CA GLU A 26 0.67 4.05 -8.62
C GLU A 26 -0.26 2.83 -8.83
N GLY A 27 0.40 1.69 -8.93
CA GLY A 27 -0.19 0.37 -8.66
C GLY A 27 -0.78 0.34 -7.23
N CYS A 28 -0.10 0.94 -6.25
CA CYS A 28 -0.67 1.05 -4.89
C CYS A 28 -1.91 1.91 -4.71
N LYS A 29 -1.98 3.07 -5.35
CA LYS A 29 -3.24 3.85 -5.34
C LYS A 29 -4.41 3.03 -5.99
N GLY A 30 -4.09 2.31 -7.07
CA GLY A 30 -4.99 1.34 -7.73
C GLY A 30 -5.46 0.23 -6.77
N PHE A 31 -4.48 -0.43 -6.15
CA PHE A 31 -4.64 -1.38 -5.04
C PHE A 31 -5.50 -0.87 -3.87
N PHE A 32 -5.36 0.42 -3.61
CA PHE A 32 -5.88 1.08 -2.39
C PHE A 32 -7.40 1.12 -2.52
N ARG A 33 -7.86 1.69 -3.64
CA ARG A 33 -9.28 1.60 -4.02
C ARG A 33 -9.79 0.21 -4.37
N ARG A 34 -8.94 -0.60 -4.95
CA ARG A 34 -9.33 -1.99 -5.25
C ARG A 34 -9.75 -2.78 -4.02
N SER A 35 -8.89 -2.78 -3.02
CA SER A 35 -9.29 -3.34 -1.74
C SER A 35 -10.34 -2.50 -1.02
N ILE A 36 -9.98 -1.30 -0.62
CA ILE A 36 -10.83 -0.55 0.33
C ILE A 36 -12.23 -0.24 -0.20
N GLN A 37 -12.25 0.30 -1.42
CA GLN A 37 -13.48 0.88 -1.97
C GLN A 37 -14.57 -0.19 -2.22
N LYS A 38 -14.10 -1.33 -2.70
CA LYS A 38 -14.91 -2.47 -3.14
C LYS A 38 -14.60 -3.88 -2.58
N ASN A 39 -13.33 -4.27 -2.62
CA ASN A 39 -12.91 -5.65 -2.36
C ASN A 39 -11.84 -5.92 -1.27
N MET A 40 -12.08 -5.34 -0.09
CA MET A 40 -11.32 -5.66 1.13
C MET A 40 -12.17 -6.48 2.10
N ILE A 41 -11.44 -7.40 2.69
CA ILE A 41 -12.08 -8.48 3.44
C ILE A 41 -11.59 -8.54 4.92
N TYR A 42 -10.35 -8.81 5.35
CA TYR A 42 -9.02 -9.15 4.75
C TYR A 42 -7.96 -9.41 5.81
N THR A 43 -7.48 -10.65 5.83
CA THR A 43 -6.41 -11.05 6.77
C THR A 43 -5.45 -12.12 6.21
N CYS A 44 -4.43 -11.66 5.48
CA CYS A 44 -4.22 -10.24 5.17
C CYS A 44 -4.81 -9.68 3.85
N HIS A 45 -4.88 -10.36 2.71
CA HIS A 45 -4.21 -11.62 2.34
C HIS A 45 -2.98 -11.24 1.52
N ARG A 46 -1.81 -11.72 1.96
CA ARG A 46 -1.59 -13.13 2.34
C ARG A 46 -1.49 -13.31 3.87
N ASP A 47 -0.37 -12.91 4.45
CA ASP A 47 -0.13 -12.99 5.90
C ASP A 47 0.10 -11.58 6.49
N LYS A 48 -0.24 -11.46 7.75
CA LYS A 48 -0.28 -10.16 8.45
C LYS A 48 1.02 -9.80 9.20
N ASN A 49 2.10 -10.24 8.55
CA ASN A 49 3.47 -9.74 8.75
C ASN A 49 4.02 -9.08 7.47
N CYS A 50 3.72 -9.75 6.35
CA CYS A 50 4.18 -9.45 4.97
C CYS A 50 5.66 -9.01 4.95
N VAL A 51 6.19 -8.53 3.82
CA VAL A 51 7.67 -8.34 3.77
C VAL A 51 8.25 -6.95 3.56
N ILE A 52 7.46 -6.13 2.92
CA ILE A 52 7.93 -5.23 1.84
C ILE A 52 9.03 -4.23 2.26
N ASN A 53 10.23 -4.78 2.14
CA ASN A 53 11.52 -4.06 2.21
C ASN A 53 12.14 -4.24 0.80
N LYS A 54 13.41 -4.67 0.70
CA LYS A 54 14.02 -5.04 -0.57
C LYS A 54 14.45 -6.51 -0.80
N VAL A 55 14.44 -7.32 0.27
CA VAL A 55 14.63 -8.78 0.21
C VAL A 55 13.23 -9.35 0.56
N THR A 56 12.46 -9.12 -0.49
CA THR A 56 11.02 -8.93 -0.35
C THR A 56 9.97 -9.74 -1.14
N ARG A 57 8.77 -9.19 -0.94
CA ARG A 57 7.43 -9.40 -1.53
C ARG A 57 7.20 -10.65 -2.40
N ASN A 58 6.20 -11.50 -2.13
CA ASN A 58 5.23 -11.52 -0.99
C ASN A 58 4.40 -10.26 -0.66
N ARG A 59 3.65 -9.75 -1.64
CA ARG A 59 2.98 -8.48 -1.48
C ARG A 59 1.45 -8.64 -1.47
N CYS A 60 0.84 -7.97 -0.50
CA CYS A 60 -0.50 -8.34 -0.03
C CYS A 60 -1.38 -7.13 0.33
N GLN A 61 -2.63 -7.42 0.70
CA GLN A 61 -3.64 -6.40 1.08
C GLN A 61 -3.38 -5.70 2.43
N TYR A 62 -4.14 -6.05 3.47
CA TYR A 62 -4.26 -5.35 4.76
C TYR A 62 -2.97 -4.88 5.42
N CYS A 63 -2.01 -5.80 5.42
CA CYS A 63 -0.60 -5.56 5.79
C CYS A 63 0.00 -4.25 5.26
N ARG A 64 -0.14 -4.06 3.94
CA ARG A 64 0.44 -2.95 3.19
C ARG A 64 -0.60 -1.93 2.69
N LEU A 65 -1.89 -2.24 2.79
CA LEU A 65 -2.91 -1.17 2.86
C LEU A 65 -2.54 -0.29 4.06
N GLN A 66 -2.32 -0.99 5.17
CA GLN A 66 -2.14 -0.43 6.51
C GLN A 66 -0.74 0.13 6.81
N LYS A 67 0.29 -0.50 6.28
CA LYS A 67 1.63 0.13 6.26
C LYS A 67 1.76 1.30 5.27
N CYS A 68 1.14 1.23 4.09
CA CYS A 68 0.99 2.42 3.22
C CYS A 68 0.12 3.51 3.86
N PHE A 69 -0.95 3.07 4.53
CA PHE A 69 -1.80 3.87 5.45
C PHE A 69 -1.12 4.61 6.61
N GLU A 70 0.03 4.12 7.04
CA GLU A 70 0.90 4.88 7.95
C GLU A 70 1.28 6.28 7.42
N VAL A 71 1.19 6.40 6.10
CA VAL A 71 1.32 7.66 5.34
C VAL A 71 -0.04 7.86 4.62
N GLY A 72 -1.09 7.82 5.46
CA GLY A 72 -2.56 7.94 5.21
C GLY A 72 -2.97 8.59 3.90
N MET A 73 -2.77 7.72 2.93
CA MET A 73 -3.19 7.81 1.53
C MET A 73 -4.73 7.75 1.64
N SER A 74 -5.41 8.56 0.83
CA SER A 74 -6.86 8.54 0.90
C SER A 74 -7.64 7.90 -0.25
N LYS A 75 -7.35 6.61 -0.29
CA LYS A 75 -8.45 5.62 -0.26
C LYS A 75 -8.47 5.17 1.20
N GLU A 76 -9.40 5.78 1.92
CA GLU A 76 -9.22 6.11 3.33
C GLU A 76 -10.17 5.21 4.16
N SER A 77 -11.36 5.74 4.45
CA SER A 77 -12.55 4.94 4.80
C SER A 77 -13.44 5.05 3.56
N VAL A 78 -13.00 4.26 2.60
CA VAL A 78 -13.41 4.39 1.21
C VAL A 78 -14.27 3.24 0.70
N ARG A 79 -15.46 3.63 0.30
CA ARG A 79 -15.98 5.02 0.38
C ARG A 79 -17.24 5.13 1.26
N ASN A 80 -17.18 6.00 2.27
CA ASN A 80 -18.27 6.18 3.25
C ASN A 80 -18.90 7.59 3.26
N MET A 1 15.45 -2.45 7.43
CA MET A 1 15.44 -2.71 5.96
C MET A 1 15.86 -1.52 5.06
N PRO A 2 16.66 -1.79 4.01
CA PRO A 2 17.02 -0.78 3.00
C PRO A 2 15.77 -0.34 2.19
N ARG A 3 15.19 0.75 2.67
CA ARG A 3 14.10 1.47 1.99
C ARG A 3 14.56 2.87 1.60
N VAL A 4 15.09 2.96 0.38
CA VAL A 4 15.63 4.24 -0.17
C VAL A 4 14.59 5.31 -0.55
N TYR A 5 13.51 4.90 -1.19
CA TYR A 5 12.37 5.79 -1.50
C TYR A 5 11.01 5.16 -1.15
N LYS A 6 10.11 5.05 -2.12
CA LYS A 6 8.71 4.65 -1.89
C LYS A 6 8.12 3.50 -2.74
N PRO A 7 7.63 3.64 -3.98
CA PRO A 7 6.84 4.73 -4.57
C PRO A 7 5.38 4.69 -4.12
N CYS A 8 5.23 4.32 -2.86
CA CYS A 8 4.16 3.40 -2.44
C CYS A 8 3.19 3.66 -1.28
N PHE A 9 3.56 4.25 -0.14
CA PHE A 9 4.85 4.87 0.18
C PHE A 9 5.97 3.98 0.84
N VAL A 10 5.83 2.69 0.59
CA VAL A 10 6.51 1.60 1.33
C VAL A 10 7.30 0.53 0.52
N CYS A 11 6.74 0.16 -0.61
CA CYS A 11 7.07 -1.02 -1.45
C CYS A 11 7.38 -0.51 -2.87
N GLN A 12 8.59 -0.19 -3.32
CA GLN A 12 9.82 0.32 -2.65
C GLN A 12 10.68 0.99 -3.74
N ASP A 13 10.83 2.33 -3.66
CA ASP A 13 11.57 3.19 -4.63
C ASP A 13 11.12 3.16 -6.12
N LYS A 14 10.91 4.30 -6.81
CA LYS A 14 11.11 5.69 -6.38
C LYS A 14 9.81 6.40 -5.92
N SER A 15 9.22 7.36 -6.66
CA SER A 15 7.82 7.85 -6.47
C SER A 15 7.01 8.06 -7.73
N SER A 16 5.75 7.62 -7.62
CA SER A 16 4.68 7.94 -8.58
C SER A 16 4.36 9.44 -8.49
N GLY A 17 3.91 9.92 -9.62
CA GLY A 17 3.26 11.24 -9.79
C GLY A 17 1.96 11.19 -8.96
N TYR A 18 1.73 12.20 -8.13
CA TYR A 18 0.82 11.96 -6.98
C TYR A 18 -0.61 12.50 -6.86
N HIS A 19 -1.31 11.75 -6.01
CA HIS A 19 -2.77 11.70 -5.82
C HIS A 19 -3.12 12.16 -4.38
N TYR A 20 -3.32 11.22 -3.46
CA TYR A 20 -3.82 11.50 -2.10
C TYR A 20 -2.81 11.33 -0.95
N GLY A 21 -2.12 12.45 -0.65
CA GLY A 21 -1.40 12.68 0.61
C GLY A 21 -0.01 12.02 0.80
N VAL A 22 0.17 10.91 0.11
CA VAL A 22 1.35 10.01 0.19
C VAL A 22 2.15 10.10 -1.12
N SER A 23 2.94 9.07 -1.33
CA SER A 23 3.33 8.60 -2.67
C SER A 23 2.86 7.15 -2.78
N ALA A 24 2.08 6.90 -3.82
CA ALA A 24 1.62 5.55 -4.11
C ALA A 24 1.92 4.96 -5.49
N CYS A 25 2.20 3.67 -5.40
CA CYS A 25 3.08 2.88 -6.30
C CYS A 25 2.46 2.47 -7.65
N GLU A 26 1.53 3.31 -8.07
CA GLU A 26 0.71 3.25 -9.31
C GLU A 26 -0.26 2.06 -9.21
N GLY A 27 0.36 0.89 -9.01
CA GLY A 27 -0.32 -0.34 -8.57
C GLY A 27 -1.04 -0.10 -7.23
N CYS A 28 -0.36 0.56 -6.27
CA CYS A 28 -0.93 0.72 -4.94
C CYS A 28 -2.14 1.64 -4.79
N LYS A 29 -2.18 2.77 -5.48
CA LYS A 29 -3.37 3.63 -5.54
C LYS A 29 -4.59 2.89 -6.17
N GLY A 30 -4.32 2.11 -7.22
CA GLY A 30 -5.30 1.20 -7.86
C GLY A 30 -5.81 0.14 -6.87
N PHE A 31 -4.85 -0.57 -6.27
CA PHE A 31 -5.04 -1.52 -5.16
C PHE A 31 -5.84 -0.97 -3.97
N PHE A 32 -5.64 0.32 -3.71
CA PHE A 32 -6.10 1.01 -2.50
C PHE A 32 -7.62 1.11 -2.61
N ARG A 33 -8.05 1.64 -3.76
CA ARG A 33 -9.46 1.57 -4.21
C ARG A 33 -10.02 0.16 -4.33
N ARG A 34 -9.29 -0.66 -5.05
CA ARG A 34 -9.74 -2.02 -5.36
C ARG A 34 -10.17 -2.80 -4.12
N SER A 35 -9.28 -2.81 -3.14
CA SER A 35 -9.64 -3.33 -1.83
C SER A 35 -10.67 -2.45 -1.12
N ILE A 36 -10.27 -1.26 -0.73
CA ILE A 36 -11.07 -0.49 0.24
C ILE A 36 -12.47 -0.10 -0.23
N GLN A 37 -12.50 0.43 -1.45
CA GLN A 37 -13.72 1.04 -1.98
C GLN A 37 -14.86 0.01 -2.15
N LYS A 38 -14.43 -1.12 -2.70
CA LYS A 38 -15.30 -2.22 -3.17
C LYS A 38 -15.04 -3.63 -2.62
N ASN A 39 -13.79 -4.09 -2.69
CA ASN A 39 -13.44 -5.50 -2.45
C ASN A 39 -12.35 -5.83 -1.39
N MET A 40 -12.54 -5.30 -0.18
CA MET A 40 -11.67 -5.66 0.97
C MET A 40 -12.33 -6.52 2.05
N ILE A 41 -11.94 -7.78 1.90
CA ILE A 41 -12.06 -8.72 3.02
C ILE A 41 -10.74 -9.47 3.30
N TYR A 42 -10.17 -9.10 4.43
CA TYR A 42 -8.71 -9.22 4.69
C TYR A 42 -8.37 -9.02 6.19
N THR A 43 -7.24 -9.59 6.62
CA THR A 43 -6.95 -9.74 8.07
C THR A 43 -5.58 -9.56 8.73
N CYS A 44 -4.46 -9.98 8.17
CA CYS A 44 -4.11 -10.22 6.75
C CYS A 44 -3.93 -11.68 6.34
N HIS A 45 -4.27 -11.92 5.07
CA HIS A 45 -3.91 -13.14 4.35
C HIS A 45 -3.16 -12.87 3.04
N ARG A 46 -1.89 -12.50 3.25
CA ARG A 46 -0.84 -13.49 3.55
C ARG A 46 -0.59 -13.45 5.07
N ASP A 47 0.26 -12.51 5.50
CA ASP A 47 0.37 -12.09 6.90
C ASP A 47 0.49 -10.55 6.96
N LYS A 48 0.52 -10.06 8.18
CA LYS A 48 0.53 -8.61 8.48
C LYS A 48 1.96 -8.06 8.75
N ASN A 49 2.93 -8.86 8.34
CA ASN A 49 4.38 -8.51 8.24
C ASN A 49 4.91 -8.80 6.82
N CYS A 50 4.00 -8.71 5.83
CA CYS A 50 4.06 -9.38 4.51
C CYS A 50 5.48 -9.43 3.96
N VAL A 51 5.96 -8.41 3.27
CA VAL A 51 7.21 -7.67 3.65
C VAL A 51 7.03 -6.16 3.84
N ILE A 52 7.52 -5.16 3.10
CA ILE A 52 8.18 -5.00 1.76
C ILE A 52 9.29 -3.93 1.96
N ASN A 53 10.49 -4.26 1.50
CA ASN A 53 11.48 -3.29 1.01
C ASN A 53 11.77 -3.70 -0.45
N LYS A 54 13.02 -3.87 -0.90
CA LYS A 54 13.29 -4.63 -2.14
C LYS A 54 14.34 -5.77 -2.05
N VAL A 55 13.94 -6.75 -1.25
CA VAL A 55 14.51 -8.11 -1.16
C VAL A 55 13.43 -9.18 -1.48
N THR A 56 12.23 -8.65 -1.71
CA THR A 56 11.00 -9.03 -1.02
C THR A 56 9.80 -9.54 -1.85
N ARG A 57 8.65 -9.30 -1.21
CA ARG A 57 7.27 -9.22 -1.76
C ARG A 57 6.76 -10.51 -2.44
N ASN A 58 6.08 -11.38 -1.69
CA ASN A 58 5.48 -11.23 -0.33
C ASN A 58 4.55 -10.03 -0.12
N ARG A 59 3.79 -9.71 -1.16
CA ARG A 59 2.91 -8.55 -1.15
C ARG A 59 1.45 -9.03 -1.28
N CYS A 60 0.60 -8.29 -0.59
CA CYS A 60 -0.81 -8.66 -0.36
C CYS A 60 -1.63 -7.39 -0.04
N GLN A 61 -2.89 -7.61 0.32
CA GLN A 61 -3.81 -6.54 0.78
C GLN A 61 -3.56 -5.91 2.14
N TYR A 62 -4.24 -6.42 3.16
CA TYR A 62 -4.41 -5.74 4.47
C TYR A 62 -3.13 -5.22 5.08
N CYS A 63 -2.14 -6.10 5.01
CA CYS A 63 -0.75 -5.83 5.41
C CYS A 63 -0.22 -4.48 4.93
N ARG A 64 -0.18 -4.31 3.61
CA ARG A 64 0.38 -3.09 3.00
C ARG A 64 -0.68 -2.16 2.38
N LEU A 65 -1.97 -2.47 2.55
CA LEU A 65 -2.99 -1.41 2.67
C LEU A 65 -2.60 -0.56 3.88
N GLN A 66 -2.37 -1.28 4.97
CA GLN A 66 -2.20 -0.77 6.33
C GLN A 66 -0.80 -0.21 6.66
N LYS A 67 0.24 -0.80 6.08
CA LYS A 67 1.58 -0.17 6.12
C LYS A 67 1.74 1.03 5.18
N CYS A 68 1.15 0.98 3.98
CA CYS A 68 1.07 2.21 3.14
C CYS A 68 0.12 3.27 3.77
N PHE A 69 -0.94 2.79 4.42
CA PHE A 69 -1.80 3.54 5.35
C PHE A 69 -1.17 4.24 6.56
N GLU A 70 -0.01 3.75 6.98
CA GLU A 70 0.83 4.49 7.94
C GLU A 70 1.17 5.92 7.48
N VAL A 71 1.06 6.10 6.17
CA VAL A 71 1.17 7.41 5.48
C VAL A 71 -0.21 7.68 4.82
N GLY A 72 -1.26 7.51 5.65
CA GLY A 72 -2.71 7.71 5.42
C GLY A 72 -3.12 8.38 4.11
N MET A 73 -3.08 7.46 3.18
CA MET A 73 -3.37 7.66 1.76
C MET A 73 -4.91 7.66 1.69
N SER A 74 -5.44 8.45 0.75
CA SER A 74 -6.90 8.47 0.66
C SER A 74 -7.58 7.79 -0.53
N LYS A 75 -7.30 6.50 -0.53
CA LYS A 75 -8.40 5.52 -0.44
C LYS A 75 -8.41 5.09 1.02
N GLU A 76 -9.32 5.70 1.75
CA GLU A 76 -9.14 5.98 3.17
C GLU A 76 -10.13 5.10 3.96
N SER A 77 -11.27 5.69 4.32
CA SER A 77 -12.50 4.95 4.67
C SER A 77 -13.45 5.20 3.48
N VAL A 78 -13.09 4.48 2.44
CA VAL A 78 -13.47 4.75 1.07
C VAL A 78 -14.41 3.72 0.47
N ARG A 79 -15.43 4.23 -0.21
CA ARG A 79 -15.83 5.66 -0.28
C ARG A 79 -17.17 5.90 0.44
N ASN A 80 -17.27 5.17 1.54
CA ASN A 80 -18.54 4.75 2.14
C ASN A 80 -18.70 5.06 3.65
N MET A 1 9.48 -5.73 7.26
CA MET A 1 10.73 -5.00 7.00
C MET A 1 10.53 -3.57 6.47
N PRO A 2 11.28 -2.57 6.98
CA PRO A 2 11.09 -1.15 6.66
C PRO A 2 11.56 -0.70 5.27
N ARG A 3 10.64 -0.02 4.59
CA ARG A 3 10.89 0.76 3.35
C ARG A 3 12.13 1.67 3.38
N VAL A 4 12.84 1.66 2.25
CA VAL A 4 13.93 2.64 1.99
C VAL A 4 13.46 3.97 1.36
N TYR A 5 12.81 3.85 0.21
CA TYR A 5 12.11 4.98 -0.46
C TYR A 5 10.62 4.61 -0.69
N LYS A 6 10.07 4.80 -1.90
CA LYS A 6 8.63 4.60 -2.17
C LYS A 6 8.16 3.63 -3.27
N PRO A 7 7.77 3.93 -4.53
CA PRO A 7 6.96 5.07 -5.01
C PRO A 7 5.49 4.98 -4.60
N CYS A 8 5.28 4.60 -3.35
CA CYS A 8 4.17 3.70 -2.99
C CYS A 8 3.21 3.91 -1.82
N PHE A 9 3.61 4.39 -0.64
CA PHE A 9 4.92 4.92 -0.27
C PHE A 9 5.96 3.92 0.34
N VAL A 10 5.75 2.67 -0.03
CA VAL A 10 6.36 1.49 0.59
C VAL A 10 7.03 0.41 -0.31
N CYS A 11 6.46 0.26 -1.50
CA CYS A 11 6.75 -0.81 -2.48
C CYS A 11 7.19 -0.20 -3.83
N GLN A 12 8.44 0.06 -4.15
CA GLN A 12 9.64 0.28 -3.30
C GLN A 12 10.72 1.02 -4.15
N ASP A 13 10.81 2.35 -4.03
CA ASP A 13 11.74 3.32 -4.69
C ASP A 13 11.29 4.73 -5.13
N LYS A 14 10.95 4.97 -6.39
CA LYS A 14 10.78 6.32 -6.97
C LYS A 14 9.49 7.06 -6.51
N SER A 15 8.88 7.94 -7.31
CA SER A 15 7.46 8.43 -7.10
C SER A 15 6.66 8.55 -8.39
N SER A 16 5.49 7.91 -8.35
CA SER A 16 4.60 7.82 -9.52
C SER A 16 3.30 8.65 -9.37
N GLY A 17 3.44 9.98 -9.50
CA GLY A 17 2.29 10.92 -9.60
C GLY A 17 2.57 12.38 -9.21
N TYR A 18 1.90 12.92 -8.18
CA TYR A 18 1.07 12.16 -7.24
C TYR A 18 -0.42 12.54 -7.01
N HIS A 19 -1.21 11.48 -6.81
CA HIS A 19 -2.61 11.47 -6.32
C HIS A 19 -2.71 11.86 -4.82
N TYR A 20 -3.62 11.22 -4.09
CA TYR A 20 -3.93 11.48 -2.67
C TYR A 20 -2.84 11.31 -1.59
N GLY A 21 -2.23 12.44 -1.25
CA GLY A 21 -1.58 12.69 0.05
C GLY A 21 -0.17 12.12 0.32
N VAL A 22 0.12 11.00 -0.34
CA VAL A 22 1.35 10.19 -0.19
C VAL A 22 2.17 10.30 -1.49
N SER A 23 3.03 9.30 -1.65
CA SER A 23 3.55 8.82 -2.94
C SER A 23 2.99 7.42 -3.09
N ALA A 24 2.19 7.23 -4.13
CA ALA A 24 1.73 5.88 -4.46
C ALA A 24 2.05 5.35 -5.84
N CYS A 25 2.20 4.03 -5.82
CA CYS A 25 2.90 3.24 -6.86
C CYS A 25 2.02 2.98 -8.10
N GLU A 26 0.98 3.80 -8.16
CA GLU A 26 -0.12 3.91 -9.15
C GLU A 26 -0.94 2.64 -9.33
N GLY A 27 -0.20 1.53 -9.43
CA GLY A 27 -0.68 0.18 -9.13
C GLY A 27 -1.22 0.16 -7.68
N CYS A 28 -0.53 0.84 -6.76
CA CYS A 28 -0.98 0.90 -5.35
C CYS A 28 -2.20 1.76 -5.07
N LYS A 29 -2.35 2.91 -5.72
CA LYS A 29 -3.62 3.66 -5.77
C LYS A 29 -4.77 2.75 -6.24
N GLY A 30 -4.54 2.04 -7.36
CA GLY A 30 -5.47 1.04 -7.92
C GLY A 30 -5.86 -0.02 -6.88
N PHE A 31 -4.84 -0.67 -6.31
CA PHE A 31 -4.92 -1.60 -5.17
C PHE A 31 -5.69 -1.06 -3.95
N PHE A 32 -5.50 0.23 -3.70
CA PHE A 32 -5.92 0.90 -2.45
C PHE A 32 -7.46 0.96 -2.49
N ARG A 33 -7.95 1.48 -3.61
CA ARG A 33 -9.36 1.43 -3.98
C ARG A 33 -9.93 0.01 -4.11
N ARG A 34 -9.20 -0.81 -4.84
CA ARG A 34 -9.65 -2.17 -5.12
C ARG A 34 -9.97 -2.98 -3.85
N SER A 35 -9.01 -2.98 -2.93
CA SER A 35 -9.28 -3.50 -1.59
C SER A 35 -10.34 -2.67 -0.86
N ILE A 36 -9.99 -1.44 -0.53
CA ILE A 36 -10.76 -0.70 0.47
C ILE A 36 -12.19 -0.35 0.06
N GLN A 37 -12.28 0.21 -1.14
CA GLN A 37 -13.52 0.81 -1.60
C GLN A 37 -14.63 -0.25 -1.80
N LYS A 38 -14.20 -1.40 -2.34
CA LYS A 38 -15.08 -2.49 -2.74
C LYS A 38 -14.82 -3.90 -2.19
N ASN A 39 -13.54 -4.34 -2.19
CA ASN A 39 -13.21 -5.75 -1.94
C ASN A 39 -12.19 -6.13 -0.82
N MET A 40 -12.25 -5.44 0.32
CA MET A 40 -11.43 -5.83 1.47
C MET A 40 -12.18 -6.44 2.65
N ILE A 41 -11.96 -7.73 2.72
CA ILE A 41 -11.95 -8.47 3.97
C ILE A 41 -10.70 -9.37 4.02
N TYR A 42 -9.86 -9.13 5.02
CA TYR A 42 -8.43 -9.48 4.95
C TYR A 42 -7.67 -9.45 6.29
N THR A 43 -7.04 -10.57 6.60
CA THR A 43 -6.00 -10.67 7.66
C THR A 43 -5.09 -11.87 7.44
N CYS A 44 -4.00 -11.70 6.68
CA CYS A 44 -3.64 -10.48 5.93
C CYS A 44 -3.94 -10.45 4.40
N HIS A 45 -3.80 -11.53 3.62
CA HIS A 45 -3.24 -12.84 3.97
C HIS A 45 -2.09 -13.35 3.09
N ARG A 46 -0.94 -12.81 3.46
CA ARG A 46 0.23 -13.68 3.65
C ARG A 46 0.54 -13.61 5.18
N ASP A 47 1.31 -12.59 5.54
CA ASP A 47 1.58 -12.17 6.93
C ASP A 47 1.50 -10.63 7.00
N LYS A 48 1.51 -10.07 8.20
CA LYS A 48 1.40 -8.60 8.34
C LYS A 48 2.77 -7.86 8.35
N ASN A 49 3.78 -8.57 7.84
CA ASN A 49 5.15 -8.09 7.57
C ASN A 49 5.56 -8.33 6.10
N CYS A 50 4.58 -8.21 5.21
CA CYS A 50 4.62 -8.71 3.81
C CYS A 50 4.87 -7.72 2.69
N VAL A 51 6.12 -7.54 2.26
CA VAL A 51 7.33 -7.25 3.05
C VAL A 51 7.91 -5.84 2.76
N ILE A 52 7.18 -5.17 1.90
CA ILE A 52 7.76 -4.38 0.80
C ILE A 52 8.70 -3.25 1.28
N ASN A 53 9.93 -3.76 1.31
CA ASN A 53 11.20 -3.01 1.39
C ASN A 53 12.00 -3.47 0.14
N LYS A 54 13.21 -3.98 0.36
CA LYS A 54 14.12 -4.52 -0.66
C LYS A 54 14.45 -6.03 -0.60
N VAL A 55 14.32 -6.63 0.58
CA VAL A 55 14.46 -8.11 0.77
C VAL A 55 13.02 -8.59 1.05
N THR A 56 12.40 -8.57 -0.11
CA THR A 56 10.95 -8.33 -0.23
C THR A 56 10.00 -9.26 -1.01
N ARG A 57 8.87 -8.60 -1.31
CA ARG A 57 7.67 -8.96 -2.10
C ARG A 57 7.60 -10.36 -2.74
N ASN A 58 6.87 -11.32 -2.18
CA ASN A 58 6.07 -11.30 -0.91
C ASN A 58 5.05 -10.15 -0.69
N ARG A 59 4.10 -10.04 -1.61
CA ARG A 59 3.13 -8.95 -1.58
C ARG A 59 1.69 -9.50 -1.50
N CYS A 60 0.86 -8.71 -0.84
CA CYS A 60 -0.54 -9.06 -0.48
C CYS A 60 -1.35 -7.78 -0.19
N GLN A 61 -2.56 -7.93 0.36
CA GLN A 61 -3.41 -6.75 0.69
C GLN A 61 -3.09 -6.05 2.01
N TYR A 62 -3.70 -6.53 3.10
CA TYR A 62 -3.78 -5.78 4.36
C TYR A 62 -2.43 -5.28 4.88
N CYS A 63 -1.48 -6.19 4.83
CA CYS A 63 -0.06 -5.89 5.10
C CYS A 63 0.46 -4.57 4.53
N ARG A 64 0.27 -4.37 3.24
CA ARG A 64 0.74 -3.16 2.55
C ARG A 64 -0.34 -2.15 2.19
N LEU A 65 -1.63 -2.49 2.37
CA LEU A 65 -2.65 -1.44 2.58
C LEU A 65 -2.21 -0.60 3.78
N GLN A 66 -1.84 -1.34 4.80
CA GLN A 66 -1.60 -0.88 6.18
C GLN A 66 -0.21 -0.26 6.40
N LYS A 67 0.81 -0.84 5.78
CA LYS A 67 2.11 -0.14 5.69
C LYS A 67 2.11 1.10 4.78
N CYS A 68 1.45 1.04 3.63
CA CYS A 68 1.22 2.27 2.81
C CYS A 68 0.34 3.30 3.55
N PHE A 69 -0.66 2.79 4.28
CA PHE A 69 -1.48 3.52 5.28
C PHE A 69 -0.78 4.22 6.43
N GLU A 70 0.40 3.73 6.79
CA GLU A 70 1.32 4.47 7.69
C GLU A 70 1.62 5.89 7.19
N VAL A 71 1.41 6.08 5.88
CA VAL A 71 1.47 7.38 5.19
C VAL A 71 0.07 7.64 4.58
N GLY A 72 -0.95 7.42 5.42
CA GLY A 72 -2.42 7.61 5.23
C GLY A 72 -2.85 8.30 3.94
N MET A 73 -2.81 7.41 2.98
CA MET A 73 -3.15 7.64 1.57
C MET A 73 -4.67 7.65 1.53
N SER A 74 -5.23 8.38 0.57
CA SER A 74 -6.69 8.44 0.53
C SER A 74 -7.45 7.72 -0.57
N LYS A 75 -7.18 6.42 -0.53
CA LYS A 75 -8.26 5.44 -0.31
C LYS A 75 -8.14 5.07 1.16
N GLU A 76 -8.97 5.77 1.94
CA GLU A 76 -8.63 6.09 3.32
C GLU A 76 -9.56 5.24 4.23
N SER A 77 -10.69 5.82 4.61
CA SER A 77 -11.89 5.08 5.06
C SER A 77 -12.88 5.23 3.91
N VAL A 78 -12.61 4.39 2.94
CA VAL A 78 -13.13 4.55 1.58
C VAL A 78 -14.18 3.53 1.15
N ARG A 79 -15.31 4.10 0.72
CA ARG A 79 -15.53 5.56 0.58
C ARG A 79 -16.62 6.16 1.49
N ASN A 80 -16.17 6.79 2.56
CA ASN A 80 -17.05 7.61 3.43
C ASN A 80 -16.55 9.05 3.67
N MET A 1 11.32 -2.09 5.51
CA MET A 1 12.71 -2.42 5.84
C MET A 1 13.30 -3.60 5.01
N PRO A 2 14.27 -3.31 4.13
CA PRO A 2 14.83 -1.97 3.86
C PRO A 2 14.06 -1.17 2.78
N ARG A 3 14.04 0.14 3.02
CA ARG A 3 13.43 1.14 2.12
C ARG A 3 14.37 2.36 2.00
N VAL A 4 14.87 2.55 0.77
CA VAL A 4 15.60 3.80 0.46
C VAL A 4 14.73 4.97 -0.03
N TYR A 5 13.78 4.67 -0.91
CA TYR A 5 12.76 5.67 -1.32
C TYR A 5 11.35 5.07 -1.17
N LYS A 6 10.47 5.24 -2.19
CA LYS A 6 9.05 4.86 -2.06
C LYS A 6 8.41 3.85 -3.03
N PRO A 7 7.95 4.16 -4.25
CA PRO A 7 7.16 5.33 -4.70
C PRO A 7 5.74 5.35 -4.17
N CYS A 8 5.56 4.79 -2.99
CA CYS A 8 4.39 3.93 -2.76
C CYS A 8 3.40 4.10 -1.59
N PHE A 9 3.79 4.48 -0.37
CA PHE A 9 5.10 4.98 0.03
C PHE A 9 6.16 3.94 0.54
N VAL A 10 5.88 2.70 0.17
CA VAL A 10 6.45 1.47 0.75
C VAL A 10 7.11 0.41 -0.18
N CYS A 11 6.52 0.24 -1.34
CA CYS A 11 6.74 -0.83 -2.36
C CYS A 11 7.18 -0.15 -3.68
N GLN A 12 8.42 0.13 -4.01
CA GLN A 12 9.64 0.44 -3.24
C GLN A 12 10.62 1.17 -4.19
N ASP A 13 11.02 2.37 -3.80
CA ASP A 13 12.05 3.21 -4.47
C ASP A 13 11.64 4.05 -5.69
N LYS A 14 11.97 5.34 -5.59
CA LYS A 14 11.65 6.44 -6.55
C LYS A 14 10.17 6.70 -6.83
N SER A 15 9.78 7.98 -6.72
CA SER A 15 8.35 8.38 -6.50
C SER A 15 7.60 8.87 -7.73
N SER A 16 6.38 8.32 -7.77
CA SER A 16 5.42 8.37 -8.88
C SER A 16 4.48 9.58 -8.71
N GLY A 17 3.26 9.40 -9.22
CA GLY A 17 2.18 10.41 -9.30
C GLY A 17 1.00 9.94 -8.44
N TYR A 18 0.61 10.81 -7.51
CA TYR A 18 -0.35 10.49 -6.46
C TYR A 18 -1.35 11.60 -6.08
N HIS A 19 -2.52 11.47 -6.69
CA HIS A 19 -3.80 11.12 -6.02
C HIS A 19 -3.96 11.64 -4.58
N TYR A 20 -3.21 11.04 -3.65
CA TYR A 20 -3.34 11.26 -2.19
C TYR A 20 -1.97 11.56 -1.57
N GLY A 21 -2.00 12.16 -0.39
CA GLY A 21 -0.88 12.85 0.30
C GLY A 21 0.10 11.95 1.07
N VAL A 22 0.68 11.05 0.30
CA VAL A 22 1.76 10.09 0.68
C VAL A 22 2.97 10.32 -0.24
N SER A 23 3.53 9.21 -0.68
CA SER A 23 3.95 9.00 -2.07
C SER A 23 3.27 7.71 -2.53
N ALA A 24 2.53 7.78 -3.62
CA ALA A 24 1.98 6.52 -4.17
C ALA A 24 2.39 6.15 -5.57
N CYS A 25 2.49 4.83 -5.66
CA CYS A 25 3.22 4.05 -6.68
C CYS A 25 2.39 3.87 -7.97
N GLU A 26 1.46 4.81 -8.11
CA GLU A 26 0.33 4.96 -9.07
C GLU A 26 -0.54 3.68 -9.18
N GLY A 27 0.15 2.57 -9.37
CA GLY A 27 -0.37 1.20 -9.20
C GLY A 27 -0.84 0.97 -7.76
N CYS A 28 -0.19 1.59 -6.78
CA CYS A 28 -0.64 1.46 -5.38
C CYS A 28 -1.97 2.15 -5.03
N LYS A 29 -2.24 3.30 -5.61
CA LYS A 29 -3.60 3.88 -5.59
C LYS A 29 -4.63 2.89 -6.17
N GLY A 30 -4.27 2.26 -7.29
CA GLY A 30 -5.03 1.16 -7.94
C GLY A 30 -5.34 0.03 -6.95
N PHE A 31 -4.28 -0.52 -6.37
CA PHE A 31 -4.32 -1.49 -5.26
C PHE A 31 -5.19 -1.06 -4.06
N PHE A 32 -5.13 0.24 -3.77
CA PHE A 32 -5.64 0.85 -2.53
C PHE A 32 -7.16 0.84 -2.63
N ARG A 33 -7.67 1.37 -3.75
CA ARG A 33 -9.09 1.18 -4.09
C ARG A 33 -9.53 -0.26 -4.35
N ARG A 34 -8.67 -1.02 -5.01
CA ARG A 34 -9.01 -2.40 -5.36
C ARG A 34 -9.42 -3.25 -4.18
N SER A 35 -8.69 -3.10 -3.09
CA SER A 35 -9.20 -3.58 -1.80
C SER A 35 -10.28 -2.67 -1.24
N ILE A 36 -9.90 -1.48 -0.81
CA ILE A 36 -10.74 -0.67 0.07
C ILE A 36 -12.12 -0.31 -0.48
N GLN A 37 -12.09 0.19 -1.71
CA GLN A 37 -13.26 0.82 -2.31
C GLN A 37 -14.44 -0.17 -2.46
N LYS A 38 -14.05 -1.39 -2.78
CA LYS A 38 -14.91 -2.52 -3.19
C LYS A 38 -14.75 -3.84 -2.41
N ASN A 39 -13.54 -4.41 -2.46
CA ASN A 39 -13.29 -5.79 -2.03
C ASN A 39 -12.15 -6.03 -1.00
N MET A 40 -12.26 -5.34 0.14
CA MET A 40 -11.38 -5.56 1.30
C MET A 40 -12.02 -6.28 2.47
N ILE A 41 -12.03 -7.57 2.23
CA ILE A 41 -12.56 -8.48 3.23
C ILE A 41 -11.40 -9.41 3.70
N TYR A 42 -10.71 -8.79 4.65
CA TYR A 42 -9.32 -9.12 5.02
C TYR A 42 -8.99 -8.86 6.50
N THR A 43 -8.15 -9.74 7.02
CA THR A 43 -7.24 -9.43 8.14
C THR A 43 -6.06 -10.38 7.95
N CYS A 44 -4.90 -9.77 7.76
CA CYS A 44 -3.71 -10.44 7.19
C CYS A 44 -3.32 -11.76 7.90
N HIS A 45 -3.39 -12.93 7.23
CA HIS A 45 -3.75 -13.22 5.83
C HIS A 45 -3.23 -12.33 4.68
N ARG A 46 -1.90 -12.36 4.49
CA ARG A 46 -1.03 -13.54 4.75
C ARG A 46 -0.46 -13.51 6.19
N ASP A 47 0.51 -12.65 6.43
CA ASP A 47 0.86 -12.13 7.76
C ASP A 47 0.97 -10.60 7.66
N LYS A 48 0.91 -9.89 8.77
CA LYS A 48 0.83 -8.40 8.71
C LYS A 48 2.20 -7.69 8.61
N ASN A 49 3.22 -8.49 8.28
CA ASN A 49 4.57 -8.05 7.88
C ASN A 49 4.97 -8.44 6.43
N CYS A 50 3.99 -9.00 5.72
CA CYS A 50 4.01 -9.46 4.30
C CYS A 50 4.58 -8.34 3.41
N VAL A 51 5.62 -8.71 2.68
CA VAL A 51 6.77 -7.82 2.46
C VAL A 51 6.63 -7.08 1.15
N ILE A 52 6.46 -5.78 1.29
CA ILE A 52 6.78 -4.90 0.18
C ILE A 52 7.55 -3.63 0.55
N ASN A 53 8.81 -3.98 0.73
CA ASN A 53 9.97 -3.07 0.81
C ASN A 53 10.90 -3.40 -0.37
N LYS A 54 12.21 -3.55 -0.20
CA LYS A 54 13.02 -4.07 -1.33
C LYS A 54 13.76 -5.42 -1.32
N VAL A 55 13.83 -6.07 -0.15
CA VAL A 55 14.24 -7.49 -0.06
C VAL A 55 12.93 -8.23 0.27
N THR A 56 12.25 -8.24 -0.86
CA THR A 56 10.78 -8.27 -0.88
C THR A 56 10.00 -9.33 -1.68
N ARG A 57 8.72 -9.09 -1.38
CA ARG A 57 7.45 -9.50 -2.00
C ARG A 57 7.00 -10.94 -1.82
N ASN A 58 5.73 -10.85 -1.46
CA ASN A 58 5.02 -11.84 -0.65
C ASN A 58 3.68 -12.22 -1.30
N ARG A 59 2.74 -11.33 -1.66
CA ARG A 59 2.41 -9.94 -1.30
C ARG A 59 0.89 -10.02 -1.02
N CYS A 60 0.37 -9.12 -0.19
CA CYS A 60 -1.06 -9.17 0.19
C CYS A 60 -1.67 -7.77 0.28
N GLN A 61 -3.00 -7.79 0.37
CA GLN A 61 -3.79 -6.62 0.75
C GLN A 61 -3.48 -5.93 2.08
N TYR A 62 -4.11 -6.37 3.16
CA TYR A 62 -4.13 -5.65 4.43
C TYR A 62 -2.79 -5.20 4.96
N CYS A 63 -1.82 -6.09 4.89
CA CYS A 63 -0.44 -5.81 5.34
C CYS A 63 0.16 -4.51 4.80
N ARG A 64 0.06 -4.37 3.49
CA ARG A 64 0.63 -3.21 2.77
C ARG A 64 -0.41 -2.23 2.21
N LEU A 65 -1.71 -2.50 2.44
CA LEU A 65 -2.69 -1.41 2.60
C LEU A 65 -2.25 -0.57 3.80
N GLN A 66 -1.98 -1.31 4.87
CA GLN A 66 -1.83 -0.80 6.24
C GLN A 66 -0.44 -0.18 6.52
N LYS A 67 0.60 -0.77 5.95
CA LYS A 67 1.91 -0.08 5.91
C LYS A 67 2.02 1.11 4.93
N CYS A 68 1.38 1.03 3.77
CA CYS A 68 1.21 2.24 2.93
C CYS A 68 0.34 3.30 3.63
N PHE A 69 -0.71 2.84 4.30
CA PHE A 69 -1.56 3.58 5.27
C PHE A 69 -0.88 4.28 6.44
N GLU A 70 0.23 3.73 6.91
CA GLU A 70 1.11 4.43 7.87
C GLU A 70 1.47 5.87 7.43
N VAL A 71 1.42 6.06 6.11
CA VAL A 71 1.57 7.35 5.44
C VAL A 71 0.23 7.56 4.67
N GLY A 72 -0.83 7.57 5.48
CA GLY A 72 -2.27 7.73 5.12
C GLY A 72 -2.61 8.41 3.79
N MET A 73 -2.46 7.54 2.83
CA MET A 73 -2.92 7.66 1.44
C MET A 73 -4.45 7.54 1.60
N SER A 74 -5.20 8.28 0.81
CA SER A 74 -6.66 8.19 0.90
C SER A 74 -7.46 7.62 -0.27
N LYS A 75 -7.19 6.32 -0.39
CA LYS A 75 -8.31 5.36 -0.39
C LYS A 75 -8.37 4.91 1.06
N GLU A 76 -9.35 5.47 1.74
CA GLU A 76 -9.26 5.79 3.16
C GLU A 76 -10.16 4.77 3.90
N SER A 77 -11.37 5.17 4.28
CA SER A 77 -12.50 4.25 4.48
C SER A 77 -13.43 4.56 3.31
N VAL A 78 -13.01 3.93 2.24
CA VAL A 78 -13.38 4.26 0.86
C VAL A 78 -14.25 3.21 0.20
N ARG A 79 -15.29 3.69 -0.46
CA ARG A 79 -15.76 5.09 -0.44
C ARG A 79 -17.11 5.12 0.31
N ASN A 80 -16.97 4.97 1.63
CA ASN A 80 -18.10 4.47 2.45
C ASN A 80 -18.49 5.37 3.64
N MET A 1 15.17 -3.68 8.01
CA MET A 1 14.45 -3.34 6.76
C MET A 1 15.26 -2.48 5.75
N PRO A 2 15.94 -3.13 4.79
CA PRO A 2 16.64 -2.43 3.69
C PRO A 2 15.64 -1.72 2.76
N ARG A 3 15.34 -0.48 3.14
CA ARG A 3 14.50 0.44 2.35
C ARG A 3 15.34 1.41 1.51
N VAL A 4 14.71 1.92 0.45
CA VAL A 4 15.31 2.89 -0.49
C VAL A 4 14.48 4.16 -0.66
N TYR A 5 13.50 4.10 -1.55
CA TYR A 5 12.52 5.20 -1.72
C TYR A 5 11.09 4.71 -1.39
N LYS A 6 10.15 4.75 -2.35
CA LYS A 6 8.73 4.46 -2.02
C LYS A 6 7.92 3.48 -2.87
N PRO A 7 7.47 3.75 -4.10
CA PRO A 7 6.74 4.93 -4.59
C PRO A 7 5.28 4.99 -4.12
N CYS A 8 5.10 4.58 -2.88
CA CYS A 8 3.93 3.77 -2.54
C CYS A 8 3.00 4.04 -1.34
N PHE A 9 3.40 4.60 -0.21
CA PHE A 9 4.71 5.16 0.13
C PHE A 9 5.75 4.20 0.78
N VAL A 10 5.51 2.93 0.52
CA VAL A 10 6.08 1.80 1.25
C VAL A 10 6.71 0.62 0.47
N CYS A 11 6.22 0.45 -0.75
CA CYS A 11 6.53 -0.68 -1.67
C CYS A 11 7.12 -0.15 -2.99
N GLN A 12 8.42 0.01 -3.18
CA GLN A 12 9.53 0.29 -2.26
C GLN A 12 10.76 0.87 -3.02
N ASP A 13 10.57 1.96 -3.79
CA ASP A 13 11.62 2.47 -4.69
C ASP A 13 11.72 3.78 -5.49
N LYS A 14 10.64 4.19 -6.16
CA LYS A 14 10.58 5.50 -6.83
C LYS A 14 9.65 6.42 -6.00
N SER A 15 9.17 7.54 -6.54
CA SER A 15 7.88 8.16 -6.15
C SER A 15 6.99 8.44 -7.35
N SER A 16 5.73 8.04 -7.18
CA SER A 16 4.71 8.01 -8.24
C SER A 16 3.46 8.81 -7.82
N GLY A 17 3.13 9.73 -8.72
CA GLY A 17 1.82 10.41 -8.74
C GLY A 17 1.89 11.95 -8.63
N TYR A 18 1.08 12.57 -7.77
CA TYR A 18 0.20 11.90 -6.80
C TYR A 18 -1.31 11.98 -7.00
N HIS A 19 -1.89 10.79 -6.81
CA HIS A 19 -3.33 10.54 -6.61
C HIS A 19 -3.82 11.13 -5.27
N TYR A 20 -3.12 10.78 -4.20
CA TYR A 20 -3.38 11.26 -2.83
C TYR A 20 -2.04 11.61 -2.14
N GLY A 21 -2.10 12.36 -1.03
CA GLY A 21 -0.95 13.02 -0.37
C GLY A 21 -0.07 12.13 0.53
N VAL A 22 0.51 11.14 -0.12
CA VAL A 22 1.45 10.13 0.43
C VAL A 22 2.80 10.14 -0.33
N SER A 23 3.13 8.99 -0.87
CA SER A 23 3.50 8.75 -2.27
C SER A 23 2.71 7.51 -2.67
N ALA A 24 2.05 7.57 -3.82
CA ALA A 24 1.54 6.32 -4.35
C ALA A 24 1.88 5.81 -5.74
N CYS A 25 2.02 4.48 -5.67
CA CYS A 25 2.85 3.62 -6.55
C CYS A 25 2.18 3.32 -7.91
N GLU A 26 1.20 4.16 -8.22
CA GLU A 26 0.32 4.19 -9.41
C GLU A 26 -0.61 2.98 -9.42
N GLY A 27 0.04 1.82 -9.44
CA GLY A 27 -0.55 0.50 -9.15
C GLY A 27 -1.19 0.48 -7.74
N CYS A 28 -0.55 1.14 -6.77
CA CYS A 28 -1.10 1.16 -5.40
C CYS A 28 -2.37 1.95 -5.16
N LYS A 29 -2.57 3.07 -5.83
CA LYS A 29 -3.90 3.75 -5.80
C LYS A 29 -5.00 2.83 -6.36
N GLY A 30 -4.66 2.10 -7.44
CA GLY A 30 -5.50 1.07 -8.08
C GLY A 30 -5.88 0.00 -7.06
N PHE A 31 -4.86 -0.62 -6.48
CA PHE A 31 -4.95 -1.56 -5.34
C PHE A 31 -5.77 -1.04 -4.15
N PHE A 32 -5.65 0.26 -3.90
CA PHE A 32 -6.12 0.90 -2.66
C PHE A 32 -7.65 0.96 -2.74
N ARG A 33 -8.15 1.54 -3.83
CA ARG A 33 -9.58 1.48 -4.16
C ARG A 33 -10.13 0.08 -4.45
N ARG A 34 -9.29 -0.71 -5.10
CA ARG A 34 -9.69 -2.07 -5.48
C ARG A 34 -10.12 -2.94 -4.31
N SER A 35 -9.30 -2.87 -3.27
CA SER A 35 -9.75 -3.39 -1.97
C SER A 35 -10.79 -2.49 -1.33
N ILE A 36 -10.37 -1.31 -0.89
CA ILE A 36 -11.14 -0.52 0.08
C ILE A 36 -12.52 -0.09 -0.41
N GLN A 37 -12.52 0.49 -1.61
CA GLN A 37 -13.67 1.22 -2.10
C GLN A 37 -14.91 0.33 -2.25
N LYS A 38 -14.62 -0.88 -2.71
CA LYS A 38 -15.59 -1.92 -3.10
C LYS A 38 -15.43 -3.30 -2.41
N ASN A 39 -14.25 -3.89 -2.52
CA ASN A 39 -14.00 -5.29 -2.13
C ASN A 39 -12.79 -5.60 -1.23
N MET A 40 -12.82 -5.04 -0.02
CA MET A 40 -11.97 -5.51 1.09
C MET A 40 -12.74 -6.11 2.24
N ILE A 41 -12.51 -7.41 2.33
CA ILE A 41 -12.58 -8.11 3.62
C ILE A 41 -11.32 -9.00 3.76
N TYR A 42 -10.57 -8.71 4.80
CA TYR A 42 -9.16 -9.16 4.92
C TYR A 42 -8.59 -9.08 6.34
N THR A 43 -7.78 -10.09 6.61
CA THR A 43 -6.70 -10.03 7.62
C THR A 43 -5.55 -10.83 7.00
N CYS A 44 -4.37 -10.25 7.11
CA CYS A 44 -3.19 -10.61 6.28
C CYS A 44 -2.74 -12.08 6.25
N HIS A 45 -3.41 -12.78 5.34
CA HIS A 45 -2.75 -13.73 4.44
C HIS A 45 -2.19 -12.95 3.25
N ARG A 46 -0.90 -12.66 3.36
CA ARG A 46 0.11 -13.71 3.69
C ARG A 46 0.46 -13.75 5.19
N ASP A 47 1.35 -12.86 5.60
CA ASP A 47 1.60 -12.49 7.00
C ASP A 47 1.73 -10.96 7.06
N LYS A 48 1.60 -10.34 8.22
CA LYS A 48 1.65 -8.87 8.29
C LYS A 48 3.07 -8.29 8.44
N ASN A 49 4.03 -9.08 7.97
CA ASN A 49 5.43 -8.72 7.69
C ASN A 49 5.80 -8.99 6.20
N CYS A 50 4.82 -8.65 5.36
CA CYS A 50 4.76 -8.95 3.91
C CYS A 50 5.13 -7.75 3.05
N VAL A 51 6.38 -7.69 2.58
CA VAL A 51 7.63 -7.43 3.37
C VAL A 51 8.27 -6.07 3.07
N ILE A 52 7.52 -5.28 2.34
CA ILE A 52 8.06 -4.42 1.26
C ILE A 52 9.16 -3.42 1.69
N ASN A 53 10.35 -4.02 1.67
CA ASN A 53 11.68 -3.36 1.71
C ASN A 53 12.38 -3.79 0.40
N LYS A 54 13.59 -4.32 0.45
CA LYS A 54 14.21 -4.98 -0.71
C LYS A 54 14.55 -6.49 -0.64
N VAL A 55 14.40 -7.09 0.54
CA VAL A 55 14.46 -8.55 0.75
C VAL A 55 13.00 -8.95 1.05
N THR A 56 12.33 -8.85 -0.07
CA THR A 56 10.90 -8.50 -0.10
C THR A 56 9.84 -9.34 -0.85
N ARG A 57 8.74 -8.60 -1.05
CA ARG A 57 7.48 -8.81 -1.82
C ARG A 57 7.33 -10.19 -2.52
N ASN A 58 6.55 -11.13 -1.98
CA ASN A 58 5.76 -11.12 -0.73
C ASN A 58 4.81 -9.95 -0.45
N ARG A 59 3.82 -9.79 -1.34
CA ARG A 59 2.86 -8.71 -1.21
C ARG A 59 1.42 -9.29 -1.19
N CYS A 60 0.60 -8.60 -0.42
CA CYS A 60 -0.79 -8.97 -0.09
C CYS A 60 -1.62 -7.67 0.07
N GLN A 61 -2.93 -7.85 0.25
CA GLN A 61 -3.80 -6.73 0.62
C GLN A 61 -3.53 -6.01 1.93
N TYR A 62 -4.08 -6.54 3.01
CA TYR A 62 -4.16 -5.87 4.32
C TYR A 62 -2.84 -5.35 4.85
N CYS A 63 -1.79 -6.13 4.66
CA CYS A 63 -0.43 -5.79 5.12
C CYS A 63 0.04 -4.41 4.66
N ARG A 64 -0.04 -4.19 3.35
CA ARG A 64 0.41 -2.93 2.74
C ARG A 64 -0.73 -2.09 2.15
N LEU A 65 -1.99 -2.49 2.37
CA LEU A 65 -3.07 -1.49 2.50
C LEU A 65 -2.72 -0.65 3.73
N GLN A 66 -2.49 -1.38 4.82
CA GLN A 66 -2.38 -0.85 6.18
C GLN A 66 -1.02 -0.22 6.55
N LYS A 67 0.05 -0.75 5.97
CA LYS A 67 1.36 -0.04 6.04
C LYS A 67 1.54 1.12 5.05
N CYS A 68 0.96 1.05 3.86
CA CYS A 68 0.84 2.26 3.01
C CYS A 68 -0.11 3.31 3.62
N PHE A 69 -1.18 2.81 4.24
CA PHE A 69 -2.08 3.53 5.17
C PHE A 69 -1.47 4.29 6.34
N GLU A 70 -0.32 3.81 6.82
CA GLU A 70 0.48 4.57 7.82
C GLU A 70 0.79 6.02 7.39
N VAL A 71 0.72 6.23 6.08
CA VAL A 71 0.89 7.55 5.44
C VAL A 71 -0.44 7.91 4.73
N GLY A 72 -1.56 7.61 5.42
CA GLY A 72 -2.98 7.81 5.05
C GLY A 72 -3.26 8.44 3.69
N MET A 73 -3.04 7.55 2.75
CA MET A 73 -3.32 7.70 1.31
C MET A 73 -4.86 7.71 1.31
N SER A 74 -5.44 8.48 0.40
CA SER A 74 -6.89 8.53 0.39
C SER A 74 -7.68 7.85 -0.74
N LYS A 75 -7.41 6.56 -0.73
CA LYS A 75 -8.50 5.58 -0.58
C LYS A 75 -8.45 5.18 0.88
N GLU A 76 -9.28 5.86 1.63
CA GLU A 76 -9.00 6.14 3.04
C GLU A 76 -9.95 5.26 3.90
N SER A 77 -11.09 5.82 4.28
CA SER A 77 -12.27 5.04 4.74
C SER A 77 -13.28 5.19 3.60
N VAL A 78 -12.95 4.43 2.58
CA VAL A 78 -13.41 4.63 1.22
C VAL A 78 -14.39 3.59 0.68
N ARG A 79 -15.54 4.10 0.26
CA ARG A 79 -15.92 5.52 0.45
C ARG A 79 -17.22 5.64 1.27
N ASN A 80 -17.06 5.95 2.55
CA ASN A 80 -18.17 6.05 3.50
C ASN A 80 -18.31 7.39 4.25
N MET A 1 15.56 -0.15 4.98
CA MET A 1 16.84 -0.69 4.45
C MET A 1 16.74 -2.08 3.76
N PRO A 2 17.05 -2.14 2.47
CA PRO A 2 17.34 -0.97 1.58
C PRO A 2 16.06 -0.19 1.22
N ARG A 3 16.25 1.12 1.33
CA ARG A 3 15.26 2.12 0.93
C ARG A 3 15.97 3.25 0.17
N VAL A 4 15.90 3.18 -1.16
CA VAL A 4 16.40 4.30 -1.99
C VAL A 4 15.33 5.37 -2.19
N TYR A 5 14.42 5.11 -3.12
CA TYR A 5 13.18 5.89 -3.27
C TYR A 5 11.92 5.05 -3.04
N LYS A 6 10.98 5.71 -2.38
CA LYS A 6 9.64 5.17 -2.02
C LYS A 6 8.82 4.67 -3.22
N PRO A 7 8.39 5.55 -4.13
CA PRO A 7 7.25 6.48 -3.97
C PRO A 7 5.89 5.74 -3.99
N CYS A 8 5.89 4.79 -3.07
CA CYS A 8 4.78 3.86 -2.83
C CYS A 8 3.70 4.05 -1.77
N PHE A 9 3.95 4.54 -0.56
CA PHE A 9 5.20 5.10 -0.07
C PHE A 9 6.17 4.09 0.63
N VAL A 10 5.82 2.82 0.45
CA VAL A 10 6.34 1.69 1.23
C VAL A 10 7.02 0.51 0.49
N CYS A 11 6.46 0.16 -0.65
CA CYS A 11 6.88 -0.98 -1.50
C CYS A 11 7.75 -0.31 -2.58
N GLN A 12 8.98 -0.33 -2.11
CA GLN A 12 9.89 0.82 -2.06
C GLN A 12 10.73 0.94 -3.34
N ASP A 13 10.11 1.72 -4.21
CA ASP A 13 10.60 2.30 -5.47
C ASP A 13 9.61 2.67 -6.58
N LYS A 14 8.56 1.87 -6.73
CA LYS A 14 7.55 2.17 -7.77
C LYS A 14 6.62 3.30 -7.30
N SER A 15 6.28 4.15 -8.26
CA SER A 15 5.95 5.58 -8.02
C SER A 15 4.79 6.29 -8.68
N SER A 16 4.56 7.44 -8.05
CA SER A 16 3.88 8.64 -8.55
C SER A 16 3.94 9.80 -7.53
N GLY A 17 3.79 11.01 -8.06
CA GLY A 17 3.98 12.27 -7.28
C GLY A 17 3.04 13.46 -7.58
N TYR A 18 1.81 13.55 -7.05
CA TYR A 18 1.02 12.50 -6.36
C TYR A 18 -0.49 12.80 -6.23
N HIS A 19 -1.25 11.71 -6.17
CA HIS A 19 -2.71 11.64 -5.91
C HIS A 19 -3.10 12.11 -4.49
N TYR A 20 -3.17 11.18 -3.52
CA TYR A 20 -3.72 11.45 -2.18
C TYR A 20 -2.81 11.16 -0.95
N GLY A 21 -2.32 12.24 -0.35
CA GLY A 21 -1.76 12.28 1.02
C GLY A 21 -0.30 11.81 1.21
N VAL A 22 0.05 10.80 0.41
CA VAL A 22 1.33 10.05 0.46
C VAL A 22 2.15 10.35 -0.82
N SER A 23 3.04 9.42 -1.09
CA SER A 23 3.59 9.19 -2.44
C SER A 23 3.21 7.73 -2.76
N ALA A 24 2.47 7.51 -3.82
CA ALA A 24 2.12 6.13 -4.22
C ALA A 24 2.50 5.65 -5.61
N CYS A 25 2.59 4.33 -5.56
CA CYS A 25 3.26 3.43 -6.50
C CYS A 25 2.53 3.17 -7.83
N GLU A 26 1.50 3.98 -8.06
CA GLU A 26 0.47 3.89 -9.12
C GLU A 26 -0.29 2.54 -9.09
N GLY A 27 0.50 1.47 -8.99
CA GLY A 27 0.07 0.15 -8.58
C GLY A 27 -0.64 0.24 -7.21
N CYS A 28 0.00 0.91 -6.24
CA CYS A 28 -0.61 1.04 -4.91
C CYS A 28 -1.88 1.87 -4.78
N LYS A 29 -1.99 3.00 -5.47
CA LYS A 29 -3.27 3.76 -5.49
C LYS A 29 -4.42 2.93 -6.12
N GLY A 30 -4.10 2.21 -7.21
CA GLY A 30 -5.00 1.25 -7.88
C GLY A 30 -5.44 0.14 -6.91
N PHE A 31 -4.43 -0.50 -6.32
CA PHE A 31 -4.57 -1.49 -5.23
C PHE A 31 -5.42 -1.03 -4.03
N PHE A 32 -5.31 0.27 -3.75
CA PHE A 32 -5.80 0.89 -2.51
C PHE A 32 -7.31 0.91 -2.58
N ARG A 33 -7.84 1.48 -3.68
CA ARG A 33 -9.27 1.34 -4.01
C ARG A 33 -9.73 -0.08 -4.33
N ARG A 34 -8.87 -0.80 -5.03
CA ARG A 34 -9.20 -2.18 -5.45
C ARG A 34 -9.57 -3.09 -4.29
N SER A 35 -8.85 -2.91 -3.19
CA SER A 35 -9.29 -3.41 -1.90
C SER A 35 -10.40 -2.53 -1.29
N ILE A 36 -10.02 -1.37 -0.80
CA ILE A 36 -10.85 -0.59 0.13
C ILE A 36 -12.24 -0.22 -0.40
N GLN A 37 -12.24 0.31 -1.61
CA GLN A 37 -13.41 0.95 -2.18
C GLN A 37 -14.58 -0.02 -2.35
N LYS A 38 -14.19 -1.25 -2.69
CA LYS A 38 -15.08 -2.38 -3.02
C LYS A 38 -14.87 -3.68 -2.22
N ASN A 39 -13.69 -4.27 -2.36
CA ASN A 39 -13.39 -5.63 -1.88
C ASN A 39 -12.15 -5.85 -0.98
N MET A 40 -12.23 -5.26 0.22
CA MET A 40 -11.23 -5.53 1.29
C MET A 40 -11.71 -6.36 2.48
N ILE A 41 -11.99 -7.58 2.10
CA ILE A 41 -12.27 -8.58 3.12
C ILE A 41 -11.14 -9.64 3.12
N TYR A 42 -10.15 -9.23 3.88
CA TYR A 42 -8.73 -9.66 3.76
C TYR A 42 -8.05 -10.32 4.98
N THR A 43 -7.80 -9.52 6.00
CA THR A 43 -6.94 -9.80 7.18
C THR A 43 -6.29 -11.18 7.26
N CYS A 44 -5.19 -11.40 6.53
CA CYS A 44 -4.49 -10.39 5.68
C CYS A 44 -4.66 -10.49 4.16
N HIS A 45 -4.48 -11.62 3.47
CA HIS A 45 -3.84 -12.86 3.94
C HIS A 45 -2.78 -13.37 2.96
N ARG A 46 -1.54 -13.08 3.34
CA ARG A 46 -0.53 -14.15 3.25
C ARG A 46 -0.39 -14.65 4.70
N ASP A 47 0.25 -13.80 5.50
CA ASP A 47 0.11 -13.71 6.95
C ASP A 47 -0.11 -12.21 7.27
N LYS A 48 -0.23 -11.89 8.56
CA LYS A 48 -0.49 -10.49 8.98
C LYS A 48 0.81 -9.67 9.21
N ASN A 49 1.94 -10.35 8.99
CA ASN A 49 3.30 -9.77 9.00
C ASN A 49 3.98 -9.82 7.61
N CYS A 50 3.12 -9.75 6.60
CA CYS A 50 3.44 -9.75 5.15
C CYS A 50 4.08 -8.39 4.84
N VAL A 51 5.28 -8.43 4.28
CA VAL A 51 6.31 -7.41 4.53
C VAL A 51 6.55 -6.63 3.25
N ILE A 52 6.64 -5.32 3.39
CA ILE A 52 7.08 -4.44 2.30
C ILE A 52 7.86 -3.17 2.67
N ASN A 53 9.13 -3.32 2.34
CA ASN A 53 10.03 -2.23 1.92
C ASN A 53 10.59 -2.72 0.57
N LYS A 54 11.91 -2.99 0.48
CA LYS A 54 12.46 -3.92 -0.52
C LYS A 54 13.58 -4.89 -0.05
N VAL A 55 13.21 -5.71 0.91
CA VAL A 55 13.93 -6.93 1.35
C VAL A 55 13.09 -8.20 1.01
N THR A 56 11.89 -7.91 0.57
CA THR A 56 10.63 -8.37 1.16
C THR A 56 9.72 -9.20 0.23
N ARG A 57 8.43 -9.05 0.54
CA ARG A 57 7.27 -9.22 -0.34
C ARG A 57 7.05 -10.66 -0.88
N ASN A 58 6.29 -11.48 -0.15
CA ASN A 58 5.47 -11.21 1.08
C ASN A 58 4.45 -10.06 0.89
N ARG A 59 3.84 -10.03 -0.28
CA ARG A 59 2.94 -8.95 -0.64
C ARG A 59 1.51 -9.48 -0.95
N CYS A 60 0.53 -8.66 -0.61
CA CYS A 60 -0.88 -9.09 -0.49
C CYS A 60 -1.74 -7.81 -0.36
N GLN A 61 -2.90 -7.89 0.32
CA GLN A 61 -3.72 -6.71 0.64
C GLN A 61 -3.38 -6.00 1.95
N TYR A 62 -3.96 -6.48 3.04
CA TYR A 62 -4.02 -5.75 4.32
C TYR A 62 -2.68 -5.25 4.84
N CYS A 63 -1.71 -6.12 4.74
CA CYS A 63 -0.29 -5.84 4.92
C CYS A 63 0.20 -4.52 4.32
N ARG A 64 0.13 -4.39 3.01
CA ARG A 64 0.49 -3.16 2.30
C ARG A 64 -0.59 -2.10 2.21
N LEU A 65 -1.87 -2.46 2.36
CA LEU A 65 -2.91 -1.42 2.60
C LEU A 65 -2.50 -0.59 3.80
N GLN A 66 -2.13 -1.33 4.83
CA GLN A 66 -1.91 -0.83 6.20
C GLN A 66 -0.50 -0.30 6.46
N LYS A 67 0.50 -0.91 5.81
CA LYS A 67 1.82 -0.29 5.67
C LYS A 67 1.85 1.00 4.87
N CYS A 68 1.18 1.02 3.71
CA CYS A 68 0.99 2.27 2.94
C CYS A 68 0.09 3.28 3.68
N PHE A 69 -0.92 2.77 4.37
CA PHE A 69 -1.76 3.49 5.35
C PHE A 69 -1.06 4.17 6.54
N GLU A 70 0.08 3.65 6.92
CA GLU A 70 1.00 4.33 7.85
C GLU A 70 1.32 5.78 7.43
N VAL A 71 1.20 6.00 6.13
CA VAL A 71 1.27 7.34 5.51
C VAL A 71 -0.10 7.59 4.81
N GLY A 72 -1.15 7.44 5.62
CA GLY A 72 -2.60 7.63 5.37
C GLY A 72 -2.95 8.33 4.06
N MET A 73 -2.93 7.42 3.11
CA MET A 73 -3.25 7.66 1.70
C MET A 73 -4.78 7.69 1.64
N SER A 74 -5.30 8.44 0.67
CA SER A 74 -6.75 8.46 0.53
C SER A 74 -7.41 7.77 -0.66
N LYS A 75 -7.14 6.47 -0.63
CA LYS A 75 -8.24 5.50 -0.50
C LYS A 75 -8.25 5.11 0.97
N GLU A 76 -9.15 5.77 1.68
CA GLU A 76 -8.95 6.08 3.09
C GLU A 76 -9.90 5.19 3.92
N SER A 77 -11.09 5.72 4.22
CA SER A 77 -12.25 4.89 4.57
C SER A 77 -13.22 5.07 3.39
N VAL A 78 -12.85 4.28 2.39
CA VAL A 78 -13.26 4.46 1.01
C VAL A 78 -14.18 3.39 0.45
N ARG A 79 -15.27 3.87 -0.14
CA ARG A 79 -15.60 5.31 -0.25
C ARG A 79 -16.86 5.67 0.55
N ASN A 80 -16.65 5.92 1.84
CA ASN A 80 -17.75 6.15 2.79
C ASN A 80 -17.62 7.44 3.64
N MET A 1 12.65 -5.26 7.64
CA MET A 1 12.54 -4.70 6.27
C MET A 1 13.35 -3.41 5.97
N PRO A 2 14.36 -3.50 5.09
CA PRO A 2 15.18 -2.35 4.66
C PRO A 2 14.40 -1.38 3.75
N ARG A 3 13.33 -0.81 4.31
CA ARG A 3 12.45 0.14 3.61
C ARG A 3 13.09 1.53 3.48
N VAL A 4 13.50 1.79 2.23
CA VAL A 4 14.22 3.00 1.83
C VAL A 4 13.27 4.06 1.26
N TYR A 5 13.04 4.04 -0.04
CA TYR A 5 11.98 4.85 -0.67
C TYR A 5 10.93 4.00 -1.37
N LYS A 6 9.72 4.53 -1.27
CA LYS A 6 8.57 4.39 -2.18
C LYS A 6 8.97 4.50 -3.67
N PRO A 7 8.08 4.43 -4.69
CA PRO A 7 6.71 4.92 -4.78
C PRO A 7 5.71 3.89 -4.29
N CYS A 8 5.20 4.10 -3.08
CA CYS A 8 4.24 3.15 -2.53
C CYS A 8 3.24 3.50 -1.41
N PHE A 9 3.60 4.10 -0.28
CA PHE A 9 4.91 4.56 0.19
C PHE A 9 5.87 3.57 0.90
N VAL A 10 5.57 2.31 0.66
CA VAL A 10 6.03 1.15 1.45
C VAL A 10 6.85 0.05 0.74
N CYS A 11 6.47 -0.23 -0.50
CA CYS A 11 7.26 -1.04 -1.43
C CYS A 11 7.97 0.07 -2.26
N GLN A 12 8.56 -0.19 -3.41
CA GLN A 12 9.94 0.33 -3.44
C GLN A 12 10.47 0.97 -4.76
N ASP A 13 10.90 2.23 -4.58
CA ASP A 13 11.86 3.03 -5.40
C ASP A 13 11.44 3.91 -6.58
N LYS A 14 11.31 5.21 -6.25
CA LYS A 14 10.92 6.41 -7.04
C LYS A 14 9.59 7.05 -6.54
N SER A 15 8.99 7.97 -7.30
CA SER A 15 7.56 8.38 -7.08
C SER A 15 6.74 8.50 -8.36
N SER A 16 5.52 7.93 -8.30
CA SER A 16 4.64 7.86 -9.48
C SER A 16 3.39 8.76 -9.41
N GLY A 17 3.61 10.08 -9.35
CA GLY A 17 2.53 11.09 -9.36
C GLY A 17 2.85 12.48 -8.80
N TYR A 18 2.26 12.91 -7.67
CA TYR A 18 1.43 12.06 -6.79
C TYR A 18 -0.03 12.49 -6.47
N HIS A 19 -0.83 11.45 -6.25
CA HIS A 19 -2.24 11.45 -5.78
C HIS A 19 -2.39 11.77 -4.26
N TYR A 20 -3.43 11.22 -3.64
CA TYR A 20 -3.84 11.47 -2.24
C TYR A 20 -2.82 11.18 -1.12
N GLY A 21 -2.12 12.26 -0.73
CA GLY A 21 -1.53 12.41 0.62
C GLY A 21 -0.16 11.75 0.91
N VAL A 22 0.15 10.75 0.10
CA VAL A 22 1.36 9.90 0.18
C VAL A 22 2.22 10.14 -1.07
N SER A 23 3.21 9.26 -1.17
CA SER A 23 3.91 8.93 -2.42
C SER A 23 3.67 7.44 -2.71
N ALA A 24 2.93 7.21 -3.78
CA ALA A 24 2.53 5.84 -4.13
C ALA A 24 2.97 5.30 -5.48
N CYS A 25 2.68 4.01 -5.62
CA CYS A 25 3.20 3.11 -6.65
C CYS A 25 2.40 3.10 -7.97
N GLU A 26 1.43 4.00 -8.02
CA GLU A 26 0.38 4.14 -9.08
C GLU A 26 -0.54 2.90 -9.08
N GLY A 27 0.11 1.75 -9.15
CA GLY A 27 -0.45 0.43 -8.82
C GLY A 27 -1.11 0.45 -7.44
N CYS A 28 -0.45 1.09 -6.46
CA CYS A 28 -1.03 1.20 -5.09
C CYS A 28 -2.30 2.03 -4.98
N LYS A 29 -2.39 3.18 -5.65
CA LYS A 29 -3.65 3.96 -5.76
C LYS A 29 -4.80 3.07 -6.32
N GLY A 30 -4.49 2.36 -7.41
CA GLY A 30 -5.39 1.34 -8.02
C GLY A 30 -5.83 0.27 -7.01
N PHE A 31 -4.82 -0.37 -6.43
CA PHE A 31 -4.94 -1.34 -5.32
C PHE A 31 -5.77 -0.84 -4.11
N PHE A 32 -5.66 0.45 -3.88
CA PHE A 32 -6.14 1.09 -2.64
C PHE A 32 -7.67 1.08 -2.69
N ARG A 33 -8.19 1.61 -3.80
CA ARG A 33 -9.62 1.42 -4.11
C ARG A 33 -10.05 0.00 -4.47
N ARG A 34 -9.16 -0.75 -5.10
CA ARG A 34 -9.50 -2.13 -5.46
C ARG A 34 -9.87 -3.00 -4.27
N SER A 35 -9.05 -2.92 -3.22
CA SER A 35 -9.47 -3.48 -1.93
C SER A 35 -10.57 -2.63 -1.29
N ILE A 36 -10.23 -1.42 -0.87
CA ILE A 36 -11.08 -0.66 0.04
C ILE A 36 -12.49 -0.34 -0.48
N GLN A 37 -12.51 0.19 -1.68
CA GLN A 37 -13.73 0.77 -2.24
C GLN A 37 -14.80 -0.29 -2.53
N LYS A 38 -14.32 -1.42 -3.05
CA LYS A 38 -15.14 -2.51 -3.58
C LYS A 38 -14.94 -3.91 -3.01
N ASN A 39 -13.69 -4.35 -2.86
CA ASN A 39 -13.41 -5.75 -2.50
C ASN A 39 -12.49 -6.09 -1.31
N MET A 40 -12.62 -5.35 -0.22
CA MET A 40 -12.00 -5.75 1.06
C MET A 40 -13.03 -6.14 2.13
N ILE A 41 -12.88 -7.39 2.46
CA ILE A 41 -12.64 -7.81 3.84
C ILE A 41 -11.44 -8.77 3.81
N TYR A 42 -10.51 -8.49 4.71
CA TYR A 42 -9.16 -9.08 4.73
C TYR A 42 -8.63 -9.23 6.16
N THR A 43 -7.77 -10.21 6.31
CA THR A 43 -6.64 -10.04 7.25
C THR A 43 -5.35 -9.91 6.42
N CYS A 44 -4.23 -9.90 7.12
CA CYS A 44 -2.92 -9.87 6.45
C CYS A 44 -2.44 -11.26 6.05
N HIS A 45 -3.00 -11.70 4.93
CA HIS A 45 -2.58 -12.94 4.28
C HIS A 45 -1.41 -12.90 3.30
N ARG A 46 -0.34 -12.38 3.89
CA ARG A 46 0.82 -13.23 4.14
C ARG A 46 0.95 -13.36 5.69
N ASP A 47 1.58 -12.36 6.29
CA ASP A 47 1.56 -12.06 7.73
C ASP A 47 1.51 -10.53 7.93
N LYS A 48 1.40 -10.10 9.18
CA LYS A 48 1.31 -8.66 9.51
C LYS A 48 2.67 -7.95 9.75
N ASN A 49 3.73 -8.69 9.43
CA ASN A 49 5.13 -8.24 9.39
C ASN A 49 5.69 -8.40 7.96
N CYS A 50 4.81 -8.07 7.03
CA CYS A 50 4.90 -8.41 5.59
C CYS A 50 5.85 -7.37 4.94
N VAL A 51 6.84 -7.87 4.22
CA VAL A 51 7.98 -7.08 3.68
C VAL A 51 7.91 -6.89 2.17
N ILE A 52 7.91 -5.61 1.83
CA ILE A 52 8.44 -5.20 0.53
C ILE A 52 9.35 -3.99 0.64
N ASN A 53 10.62 -4.36 0.58
CA ASN A 53 11.64 -3.37 0.19
C ASN A 53 12.03 -3.77 -1.25
N LYS A 54 13.30 -4.05 -1.54
CA LYS A 54 13.70 -4.55 -2.87
C LYS A 54 14.60 -5.78 -3.05
N VAL A 55 14.23 -6.80 -2.32
CA VAL A 55 14.70 -8.19 -2.46
C VAL A 55 13.52 -9.11 -2.89
N THR A 56 12.34 -8.48 -2.91
CA THR A 56 11.20 -8.96 -2.12
C THR A 56 9.89 -9.43 -2.78
N ARG A 57 8.75 -9.15 -2.11
CA ARG A 57 7.88 -10.13 -1.39
C ARG A 57 6.53 -9.66 -0.93
N ASN A 58 5.84 -10.57 -0.24
CA ASN A 58 4.84 -10.28 0.80
C ASN A 58 3.76 -9.28 0.34
N ARG A 59 3.21 -9.59 -0.81
CA ARG A 59 2.50 -8.60 -1.61
C ARG A 59 1.01 -9.02 -1.61
N CYS A 60 0.58 -8.84 -0.36
CA CYS A 60 -0.77 -9.07 0.19
C CYS A 60 -1.57 -7.75 0.21
N GLN A 61 -2.88 -7.85 0.50
CA GLN A 61 -3.72 -6.64 0.69
C GLN A 61 -3.43 -5.84 1.95
N TYR A 62 -3.91 -6.37 3.09
CA TYR A 62 -3.97 -5.63 4.35
C TYR A 62 -2.66 -5.00 4.80
N CYS A 63 -1.57 -5.73 4.57
CA CYS A 63 -0.23 -5.22 4.85
C CYS A 63 0.12 -3.93 4.11
N ARG A 64 0.05 -3.95 2.78
CA ARG A 64 0.31 -2.75 1.96
C ARG A 64 -0.79 -1.73 2.15
N LEU A 65 -2.05 -2.15 2.29
CA LEU A 65 -3.14 -1.21 2.55
C LEU A 65 -2.80 -0.37 3.79
N GLN A 66 -2.48 -1.11 4.86
CA GLN A 66 -2.34 -0.59 6.23
C GLN A 66 -0.98 0.04 6.58
N LYS A 67 0.08 -0.50 5.98
CA LYS A 67 1.41 0.13 6.05
C LYS A 67 1.59 1.33 5.10
N CYS A 68 0.96 1.30 3.92
CA CYS A 68 0.80 2.50 3.09
C CYS A 68 -0.15 3.51 3.73
N PHE A 69 -1.21 2.99 4.38
CA PHE A 69 -2.08 3.72 5.33
C PHE A 69 -1.45 4.44 6.51
N GLU A 70 -0.29 3.94 6.97
CA GLU A 70 0.55 4.70 7.91
C GLU A 70 0.90 6.11 7.42
N VAL A 71 0.86 6.25 6.11
CA VAL A 71 1.04 7.50 5.36
C VAL A 71 -0.32 7.77 4.64
N GLY A 72 -1.37 7.68 5.47
CA GLY A 72 -2.83 7.80 5.21
C GLY A 72 -3.25 8.46 3.90
N MET A 73 -3.09 7.59 2.95
CA MET A 73 -3.47 7.76 1.56
C MET A 73 -4.99 7.72 1.56
N SER A 74 -5.61 8.53 0.71
CA SER A 74 -7.07 8.51 0.66
C SER A 74 -7.78 7.89 -0.53
N LYS A 75 -7.52 6.59 -0.56
CA LYS A 75 -8.62 5.62 -0.43
C LYS A 75 -8.62 5.20 1.03
N GLU A 76 -9.54 5.81 1.75
CA GLU A 76 -9.37 6.13 3.18
C GLU A 76 -10.30 5.19 3.99
N SER A 77 -11.51 5.68 4.27
CA SER A 77 -12.67 4.83 4.60
C SER A 77 -13.60 4.98 3.41
N VAL A 78 -13.19 4.22 2.40
CA VAL A 78 -13.59 4.43 1.01
C VAL A 78 -14.50 3.38 0.43
N ARG A 79 -15.67 3.84 0.03
CA ARG A 79 -16.16 5.23 0.24
C ARG A 79 -17.34 5.19 1.24
N ASN A 80 -16.95 4.66 2.38
CA ASN A 80 -17.84 4.08 3.41
C ASN A 80 -17.53 4.50 4.86
N MET A 1 16.87 -4.51 6.03
CA MET A 1 16.30 -4.57 4.68
C MET A 1 16.43 -3.25 3.85
N PRO A 2 17.27 -3.27 2.81
CA PRO A 2 17.48 -2.13 1.89
C PRO A 2 16.20 -1.40 1.45
N ARG A 3 16.25 -0.10 1.72
CA ARG A 3 15.21 0.88 1.37
C ARG A 3 15.93 2.12 0.78
N VAL A 4 15.71 2.33 -0.51
CA VAL A 4 16.28 3.50 -1.22
C VAL A 4 15.26 4.65 -1.13
N TYR A 5 14.39 4.74 -2.13
CA TYR A 5 13.26 5.68 -2.11
C TYR A 5 11.90 5.00 -2.14
N LYS A 6 10.93 5.82 -1.71
CA LYS A 6 9.51 5.44 -1.61
C LYS A 6 8.83 5.15 -2.94
N PRO A 7 8.40 6.12 -3.76
CA PRO A 7 7.27 7.02 -3.55
C PRO A 7 5.91 6.33 -3.72
N CYS A 8 5.95 5.13 -3.16
CA CYS A 8 4.93 4.09 -3.06
C CYS A 8 3.77 4.12 -2.06
N PHE A 9 3.89 4.52 -0.81
CA PHE A 9 5.08 5.00 -0.11
C PHE A 9 6.02 3.90 0.48
N VAL A 10 5.61 2.66 0.28
CA VAL A 10 6.08 1.46 1.01
C VAL A 10 6.58 0.22 0.24
N CYS A 11 6.23 0.13 -1.05
CA CYS A 11 6.46 -1.09 -1.86
C CYS A 11 7.36 -0.95 -3.10
N GLN A 12 8.51 -0.28 -3.13
CA GLN A 12 9.29 0.55 -2.21
C GLN A 12 10.29 1.33 -3.10
N ASP A 13 9.76 2.08 -4.06
CA ASP A 13 10.50 2.78 -5.15
C ASP A 13 9.72 3.40 -6.32
N LYS A 14 8.53 2.90 -6.64
CA LYS A 14 7.74 3.47 -7.76
C LYS A 14 6.70 4.46 -7.27
N SER A 15 6.46 5.48 -8.10
CA SER A 15 5.55 6.58 -7.82
C SER A 15 4.38 6.74 -8.82
N SER A 16 3.52 7.71 -8.52
CA SER A 16 3.41 9.00 -9.20
C SER A 16 2.10 9.78 -9.05
N GLY A 17 2.24 11.08 -8.87
CA GLY A 17 1.16 12.08 -8.89
C GLY A 17 1.59 13.48 -8.39
N TYR A 18 1.27 13.84 -7.14
CA TYR A 18 0.68 12.91 -6.17
C TYR A 18 -0.82 13.13 -5.80
N HIS A 19 -1.54 12.01 -5.83
CA HIS A 19 -2.98 11.86 -5.55
C HIS A 19 -3.38 12.26 -4.10
N TYR A 20 -3.23 11.33 -3.17
CA TYR A 20 -3.83 11.48 -1.82
C TYR A 20 -2.94 11.19 -0.58
N GLY A 21 -2.43 12.26 0.01
CA GLY A 21 -1.93 12.30 1.41
C GLY A 21 -0.52 11.76 1.70
N VAL A 22 -0.13 10.80 0.87
CA VAL A 22 1.15 10.06 0.92
C VAL A 22 1.99 10.51 -0.29
N SER A 23 2.97 9.67 -0.59
CA SER A 23 3.54 9.56 -1.93
C SER A 23 3.21 8.13 -2.35
N ALA A 24 2.36 7.98 -3.34
CA ALA A 24 2.02 6.61 -3.79
C ALA A 24 2.44 6.28 -5.21
N CYS A 25 2.64 4.98 -5.26
CA CYS A 25 2.95 4.20 -6.44
C CYS A 25 1.58 4.10 -7.09
N GLU A 26 1.65 4.37 -8.38
CA GLU A 26 0.48 4.28 -9.26
C GLU A 26 -0.14 2.87 -9.22
N GLY A 27 0.75 1.89 -9.06
CA GLY A 27 0.44 0.53 -8.58
C GLY A 27 -0.28 0.53 -7.21
N CYS A 28 0.30 1.18 -6.19
CA CYS A 28 -0.34 1.27 -4.85
C CYS A 28 -1.69 1.96 -4.84
N LYS A 29 -1.81 3.12 -5.44
CA LYS A 29 -3.09 3.83 -5.65
C LYS A 29 -4.16 2.91 -6.29
N GLY A 30 -3.76 2.18 -7.34
CA GLY A 30 -4.57 1.11 -7.99
C GLY A 30 -5.00 0.03 -6.99
N PHE A 31 -4.00 -0.56 -6.33
CA PHE A 31 -4.16 -1.54 -5.23
C PHE A 31 -5.08 -1.08 -4.09
N PHE A 32 -5.03 0.22 -3.84
CA PHE A 32 -5.58 0.87 -2.64
C PHE A 32 -7.10 0.82 -2.78
N ARG A 33 -7.59 1.33 -3.91
CA ARG A 33 -9.00 1.14 -4.29
C ARG A 33 -9.41 -0.30 -4.58
N ARG A 34 -8.52 -1.02 -5.24
CA ARG A 34 -8.79 -2.41 -5.62
C ARG A 34 -9.19 -3.31 -4.46
N SER A 35 -8.51 -3.11 -3.33
CA SER A 35 -9.02 -3.59 -2.05
C SER A 35 -10.17 -2.73 -1.52
N ILE A 36 -9.83 -1.53 -1.06
CA ILE A 36 -10.73 -0.76 -0.19
C ILE A 36 -12.10 -0.45 -0.77
N GLN A 37 -12.06 0.06 -1.99
CA GLN A 37 -13.23 0.65 -2.63
C GLN A 37 -14.37 -0.36 -2.85
N LYS A 38 -13.92 -1.58 -3.09
CA LYS A 38 -14.72 -2.76 -3.49
C LYS A 38 -14.55 -4.05 -2.64
N ASN A 39 -13.34 -4.61 -2.67
CA ASN A 39 -13.07 -5.97 -2.19
C ASN A 39 -11.92 -6.17 -1.16
N MET A 40 -12.03 -5.46 -0.03
CA MET A 40 -11.12 -5.66 1.10
C MET A 40 -11.71 -6.41 2.30
N ILE A 41 -11.81 -7.67 1.98
CA ILE A 41 -12.25 -8.66 2.96
C ILE A 41 -11.09 -9.66 3.12
N TYR A 42 -10.23 -9.27 4.05
CA TYR A 42 -8.79 -9.60 4.06
C TYR A 42 -8.13 -10.06 5.37
N THR A 43 -7.92 -9.12 6.29
CA THR A 43 -7.11 -9.24 7.53
C THR A 43 -6.43 -10.60 7.81
N CYS A 44 -5.30 -10.87 7.16
CA CYS A 44 -4.56 -9.95 6.25
C CYS A 44 -4.73 -10.16 4.72
N HIS A 45 -4.57 -11.35 4.13
CA HIS A 45 -4.01 -12.57 4.72
C HIS A 45 -2.91 -13.23 3.87
N ARG A 46 -1.70 -12.80 4.19
CA ARG A 46 -0.62 -13.79 4.28
C ARG A 46 -0.36 -13.91 5.80
N ASP A 47 0.35 -12.91 6.31
CA ASP A 47 0.40 -12.52 7.73
C ASP A 47 0.35 -10.97 7.75
N LYS A 48 0.26 -10.39 8.93
CA LYS A 48 0.16 -8.92 9.05
C LYS A 48 1.52 -8.23 9.29
N ASN A 49 2.59 -8.98 8.98
CA ASN A 49 3.99 -8.53 8.85
C ASN A 49 4.59 -8.82 7.45
N CYS A 50 3.69 -8.87 6.46
CA CYS A 50 3.94 -9.18 5.04
C CYS A 50 4.55 -7.91 4.44
N VAL A 51 5.76 -8.04 3.88
CA VAL A 51 6.73 -6.93 3.75
C VAL A 51 6.97 -6.58 2.29
N ILE A 52 7.10 -5.27 2.06
CA ILE A 52 7.64 -4.81 0.77
C ILE A 52 8.73 -3.74 0.78
N ASN A 53 9.76 -4.00 1.57
CA ASN A 53 10.98 -3.19 1.56
C ASN A 53 12.30 -3.97 1.55
N LYS A 54 13.02 -3.92 0.44
CA LYS A 54 12.56 -4.42 -0.88
C LYS A 54 13.47 -5.57 -1.31
N VAL A 55 13.41 -6.52 -0.40
CA VAL A 55 14.15 -7.81 -0.30
C VAL A 55 13.17 -9.01 -0.42
N THR A 56 11.91 -8.63 -0.58
CA THR A 56 10.76 -9.15 0.15
C THR A 56 9.66 -9.78 -0.72
N ARG A 57 8.43 -9.47 -0.33
CA ARG A 57 7.15 -9.66 -1.03
C ARG A 57 6.75 -11.14 -1.21
N ASN A 58 6.09 -11.73 -0.21
CA ASN A 58 5.50 -11.16 1.03
C ASN A 58 4.47 -10.04 0.76
N ARG A 59 3.72 -10.21 -0.32
CA ARG A 59 2.78 -9.20 -0.81
C ARG A 59 1.36 -9.76 -0.78
N CYS A 60 0.52 -8.90 -0.24
CA CYS A 60 -0.90 -9.18 0.06
C CYS A 60 -1.59 -7.82 0.23
N GLN A 61 -2.86 -7.87 0.64
CA GLN A 61 -3.65 -6.66 0.85
C GLN A 61 -3.38 -5.91 2.15
N TYR A 62 -4.04 -6.33 3.23
CA TYR A 62 -4.17 -5.54 4.45
C TYR A 62 -2.85 -5.08 5.04
N CYS A 63 -1.91 -6.01 5.11
CA CYS A 63 -0.51 -5.74 5.45
C CYS A 63 0.09 -4.44 4.90
N ARG A 64 0.01 -4.28 3.57
CA ARG A 64 0.56 -3.08 2.90
C ARG A 64 -0.52 -2.09 2.39
N LEU A 65 -1.80 -2.41 2.56
CA LEU A 65 -2.82 -1.34 2.67
C LEU A 65 -2.45 -0.48 3.88
N GLN A 66 -2.15 -1.20 4.95
CA GLN A 66 -2.03 -0.72 6.33
C GLN A 66 -0.65 -0.14 6.67
N LYS A 67 0.40 -0.76 6.14
CA LYS A 67 1.75 -0.15 6.15
C LYS A 67 1.85 1.11 5.28
N CYS A 68 1.21 1.09 4.11
CA CYS A 68 1.06 2.31 3.28
C CYS A 68 0.10 3.36 3.92
N PHE A 69 -0.93 2.86 4.57
CA PHE A 69 -1.86 3.60 5.48
C PHE A 69 -1.26 4.28 6.71
N GLU A 70 -0.14 3.75 7.18
CA GLU A 70 0.72 4.46 8.16
C GLU A 70 1.12 5.87 7.69
N VAL A 71 1.04 6.05 6.38
CA VAL A 71 1.19 7.33 5.68
C VAL A 71 -0.16 7.61 4.97
N GLY A 72 -1.22 7.52 5.79
CA GLY A 72 -2.66 7.73 5.48
C GLY A 72 -2.99 8.36 4.16
N MET A 73 -3.07 7.41 3.25
CA MET A 73 -3.37 7.60 1.83
C MET A 73 -4.90 7.57 1.76
N SER A 74 -5.42 8.31 0.79
CA SER A 74 -6.88 8.27 0.59
C SER A 74 -7.44 7.63 -0.68
N LYS A 75 -7.16 6.34 -0.67
CA LYS A 75 -8.27 5.35 -0.61
C LYS A 75 -8.36 4.97 0.87
N GLU A 76 -9.37 5.55 1.50
CA GLU A 76 -9.30 5.94 2.90
C GLU A 76 -10.26 5.00 3.67
N SER A 77 -11.46 5.51 3.96
CA SER A 77 -12.66 4.69 4.15
C SER A 77 -13.47 4.91 2.88
N VAL A 78 -13.00 4.12 1.93
CA VAL A 78 -13.34 4.24 0.52
C VAL A 78 -14.20 3.10 -0.01
N ARG A 79 -15.32 3.49 -0.57
CA ARG A 79 -15.77 4.89 -0.73
C ARG A 79 -17.00 5.22 0.13
N ASN A 80 -16.70 5.89 1.24
CA ASN A 80 -17.67 6.26 2.27
C ASN A 80 -17.76 7.79 2.52
N MET A 1 17.33 1.61 -1.11
CA MET A 1 17.45 2.78 -0.20
C MET A 1 16.08 3.35 0.29
N PRO A 2 15.68 2.94 1.50
CA PRO A 2 14.42 3.38 2.15
C PRO A 2 14.34 4.91 2.28
N ARG A 3 13.12 5.39 2.12
CA ARG A 3 12.72 6.82 2.20
C ARG A 3 13.13 7.66 0.98
N VAL A 4 14.34 7.39 0.48
CA VAL A 4 14.89 7.93 -0.77
C VAL A 4 13.93 7.62 -1.95
N TYR A 5 13.83 6.34 -2.24
CA TYR A 5 12.86 5.81 -3.23
C TYR A 5 11.91 4.74 -2.69
N LYS A 6 10.67 4.81 -3.19
CA LYS A 6 9.52 4.13 -2.56
C LYS A 6 8.69 3.08 -3.32
N PRO A 7 8.09 3.35 -4.48
CA PRO A 7 7.26 4.51 -4.81
C PRO A 7 5.88 4.44 -4.16
N CYS A 8 5.85 3.81 -2.99
CA CYS A 8 4.70 2.94 -2.67
C CYS A 8 3.69 3.15 -1.54
N PHE A 9 4.01 3.66 -0.36
CA PHE A 9 5.30 4.23 0.08
C PHE A 9 6.31 3.22 0.73
N VAL A 10 6.08 1.95 0.37
CA VAL A 10 6.55 0.75 1.06
C VAL A 10 7.44 -0.26 0.30
N CYS A 11 7.11 -0.41 -1.00
CA CYS A 11 7.63 -1.43 -1.93
C CYS A 11 8.57 -0.63 -2.86
N GLN A 12 9.77 -0.64 -2.33
CA GLN A 12 10.65 0.54 -2.09
C GLN A 12 11.67 0.85 -3.21
N ASP A 13 11.16 1.52 -4.25
CA ASP A 13 11.99 1.97 -5.39
C ASP A 13 11.94 3.16 -6.37
N LYS A 14 11.01 4.10 -6.24
CA LYS A 14 10.85 5.28 -7.12
C LYS A 14 9.84 6.27 -6.45
N SER A 15 9.28 7.32 -7.09
CA SER A 15 7.99 7.93 -6.63
C SER A 15 7.05 8.39 -7.75
N SER A 16 5.99 7.60 -7.87
CA SER A 16 5.03 7.69 -9.00
C SER A 16 3.85 8.67 -8.76
N GLY A 17 4.19 9.95 -8.60
CA GLY A 17 3.22 11.06 -8.53
C GLY A 17 3.68 12.37 -7.86
N TYR A 18 3.03 12.83 -6.77
CA TYR A 18 2.01 12.05 -6.02
C TYR A 18 0.59 12.60 -5.81
N HIS A 19 -0.34 11.64 -5.72
CA HIS A 19 -1.77 11.77 -5.38
C HIS A 19 -2.05 12.12 -3.89
N TYR A 20 -2.38 11.11 -3.08
CA TYR A 20 -3.01 11.30 -1.76
C TYR A 20 -2.15 10.96 -0.52
N GLY A 21 -1.45 12.00 -0.04
CA GLY A 21 -0.82 12.04 1.29
C GLY A 21 0.53 11.33 1.46
N VAL A 22 0.71 10.29 0.65
CA VAL A 22 1.88 9.37 0.65
C VAL A 22 2.69 9.58 -0.64
N SER A 23 3.53 8.59 -0.90
CA SER A 23 3.98 8.23 -2.25
C SER A 23 3.37 6.86 -2.56
N ALA A 24 2.58 6.76 -3.61
CA ALA A 24 2.07 5.44 -4.02
C ALA A 24 2.42 4.97 -5.43
N CYS A 25 2.57 3.66 -5.45
CA CYS A 25 3.30 2.92 -6.50
C CYS A 25 2.52 2.71 -7.80
N GLU A 26 1.42 3.47 -7.86
CA GLU A 26 0.39 3.57 -8.93
C GLU A 26 -0.38 2.27 -9.14
N GLY A 27 0.39 1.18 -9.19
CA GLY A 27 -0.08 -0.18 -8.89
C GLY A 27 -0.71 -0.21 -7.48
N CYS A 28 -0.09 0.51 -6.53
CA CYS A 28 -0.64 0.60 -5.16
C CYS A 28 -1.87 1.48 -4.99
N LYS A 29 -1.91 2.65 -5.63
CA LYS A 29 -3.15 3.46 -5.75
C LYS A 29 -4.31 2.62 -6.33
N GLY A 30 -4.02 1.86 -7.39
CA GLY A 30 -4.94 0.87 -8.00
C GLY A 30 -5.42 -0.17 -6.98
N PHE A 31 -4.47 -0.85 -6.37
CA PHE A 31 -4.66 -1.78 -5.22
C PHE A 31 -5.48 -1.20 -4.06
N PHE A 32 -5.30 0.09 -3.85
CA PHE A 32 -5.80 0.81 -2.65
C PHE A 32 -7.31 0.97 -2.85
N ARG A 33 -7.68 1.52 -4.02
CA ARG A 33 -9.06 1.52 -4.51
C ARG A 33 -9.70 0.15 -4.66
N ARG A 34 -8.91 -0.81 -5.11
CA ARG A 34 -9.40 -2.17 -5.26
C ARG A 34 -9.87 -2.79 -3.96
N SER A 35 -8.93 -2.89 -3.02
CA SER A 35 -9.25 -3.47 -1.70
C SER A 35 -9.46 -2.48 -0.57
N ILE A 36 -9.97 -1.32 -0.96
CA ILE A 36 -10.84 -0.53 -0.07
C ILE A 36 -12.21 -0.23 -0.66
N GLN A 37 -12.21 0.44 -1.79
CA GLN A 37 -13.41 1.09 -2.33
C GLN A 37 -14.57 0.08 -2.56
N LYS A 38 -14.15 -1.08 -3.04
CA LYS A 38 -14.99 -2.21 -3.41
C LYS A 38 -14.73 -3.54 -2.69
N ASN A 39 -13.48 -3.99 -2.69
CA ASN A 39 -13.16 -5.38 -2.31
C ASN A 39 -12.11 -5.63 -1.19
N MET A 40 -12.36 -5.00 -0.06
CA MET A 40 -11.74 -5.34 1.22
C MET A 40 -12.73 -5.99 2.20
N ILE A 41 -12.19 -6.97 2.91
CA ILE A 41 -12.90 -7.53 4.05
C ILE A 41 -12.20 -7.69 5.42
N TYR A 42 -11.07 -8.34 5.67
CA TYR A 42 -9.97 -8.97 4.86
C TYR A 42 -8.94 -9.61 5.78
N THR A 43 -8.52 -8.81 6.76
CA THR A 43 -7.61 -9.16 7.88
C THR A 43 -6.17 -9.45 7.48
N CYS A 44 -6.03 -10.12 6.34
CA CYS A 44 -4.86 -10.05 5.45
C CYS A 44 -5.06 -10.52 3.99
N HIS A 45 -5.03 -11.78 3.58
CA HIS A 45 -4.55 -12.99 4.26
C HIS A 45 -3.47 -13.75 3.51
N ARG A 46 -2.24 -13.34 3.83
CA ARG A 46 -1.14 -14.31 3.87
C ARG A 46 -0.90 -14.52 5.38
N ASP A 47 -0.18 -13.56 5.96
CA ASP A 47 -0.13 -13.24 7.39
C ASP A 47 -0.16 -11.72 7.51
N LYS A 48 -0.37 -11.22 8.72
CA LYS A 48 -0.53 -9.77 8.95
C LYS A 48 0.80 -9.07 9.35
N ASN A 49 1.90 -9.72 8.90
CA ASN A 49 3.27 -9.17 8.83
C ASN A 49 3.92 -9.25 7.42
N CYS A 50 3.07 -9.49 6.42
CA CYS A 50 3.40 -9.70 4.98
C CYS A 50 4.10 -8.41 4.49
N VAL A 51 5.25 -8.59 3.88
CA VAL A 51 6.36 -7.63 3.95
C VAL A 51 6.62 -7.01 2.58
N ILE A 52 6.76 -5.69 2.56
CA ILE A 52 7.40 -5.01 1.44
C ILE A 52 8.30 -3.80 1.73
N ASN A 53 9.55 -4.10 1.44
CA ASN A 53 10.52 -3.13 0.89
C ASN A 53 10.93 -3.76 -0.47
N LYS A 54 12.13 -4.30 -0.62
CA LYS A 54 12.42 -5.33 -1.65
C LYS A 54 13.36 -6.52 -1.31
N VAL A 55 13.18 -7.05 -0.10
CA VAL A 55 13.88 -8.26 0.40
C VAL A 55 12.86 -9.45 0.53
N THR A 56 11.69 -9.15 0.04
CA THR A 56 10.39 -9.44 0.68
C THR A 56 9.36 -10.23 -0.13
N ARG A 57 8.11 -9.81 0.10
CA ARG A 57 6.93 -9.94 -0.78
C ARG A 57 6.52 -11.38 -1.16
N ASN A 58 5.73 -12.04 -0.31
CA ASN A 58 5.02 -11.56 0.91
C ASN A 58 4.09 -10.34 0.68
N ARG A 59 3.32 -10.39 -0.39
CA ARG A 59 2.41 -9.32 -0.75
C ARG A 59 0.96 -9.85 -0.82
N CYS A 60 0.07 -9.03 -0.27
CA CYS A 60 -1.34 -9.37 -0.07
C CYS A 60 -2.15 -8.07 0.18
N GLN A 61 -3.39 -8.18 0.67
CA GLN A 61 -4.23 -7.01 0.94
C GLN A 61 -3.91 -6.29 2.26
N TYR A 62 -4.62 -6.66 3.33
CA TYR A 62 -4.68 -5.87 4.58
C TYR A 62 -3.32 -5.50 5.15
N CYS A 63 -2.46 -6.50 5.21
CA CYS A 63 -1.06 -6.33 5.57
C CYS A 63 -0.38 -5.07 5.02
N ARG A 64 -0.41 -4.92 3.71
CA ARG A 64 0.18 -3.75 3.05
C ARG A 64 -0.80 -2.64 2.67
N LEU A 65 -2.12 -2.88 2.63
CA LEU A 65 -3.08 -1.75 2.67
C LEU A 65 -2.80 -0.92 3.91
N GLN A 66 -2.62 -1.64 5.02
CA GLN A 66 -2.55 -1.11 6.38
C GLN A 66 -1.13 -0.69 6.82
N LYS A 67 -0.12 -1.37 6.28
CA LYS A 67 1.27 -0.87 6.39
C LYS A 67 1.64 0.29 5.45
N CYS A 68 0.98 0.39 4.31
CA CYS A 68 1.07 1.61 3.49
C CYS A 68 0.13 2.73 4.00
N PHE A 69 -0.99 2.32 4.58
CA PHE A 69 -1.86 3.15 5.48
C PHE A 69 -1.19 3.76 6.71
N GLU A 70 -0.11 3.16 7.17
CA GLU A 70 0.81 3.81 8.14
C GLU A 70 1.30 5.18 7.67
N VAL A 71 1.25 5.36 6.35
CA VAL A 71 1.51 6.63 5.65
C VAL A 71 0.18 7.03 4.96
N GLY A 72 -0.90 6.93 5.74
CA GLY A 72 -2.34 7.20 5.45
C GLY A 72 -2.66 7.88 4.12
N MET A 73 -2.59 6.97 3.19
CA MET A 73 -2.87 7.19 1.76
C MET A 73 -4.39 7.30 1.67
N SER A 74 -4.86 8.11 0.75
CA SER A 74 -6.32 8.24 0.60
C SER A 74 -7.04 7.71 -0.64
N LYS A 75 -6.90 6.39 -0.70
CA LYS A 75 -8.10 5.53 -0.62
C LYS A 75 -8.17 5.12 0.85
N GLU A 76 -9.04 5.85 1.54
CA GLU A 76 -8.88 6.20 2.94
C GLU A 76 -9.84 5.29 3.74
N SER A 77 -11.03 5.81 4.05
CA SER A 77 -12.19 4.95 4.36
C SER A 77 -13.14 5.17 3.19
N VAL A 78 -12.72 4.47 2.14
CA VAL A 78 -13.14 4.72 0.76
C VAL A 78 -14.07 3.66 0.22
N ARG A 79 -15.18 4.14 -0.32
CA ARG A 79 -15.62 5.57 -0.27
C ARG A 79 -16.90 5.62 0.59
N ASN A 80 -16.67 5.44 1.89
CA ASN A 80 -17.73 4.97 2.80
C ASN A 80 -18.01 5.89 4.02
N MET A 1 11.14 -0.14 3.60
CA MET A 1 12.17 -0.65 4.53
C MET A 1 13.54 -0.91 3.87
N PRO A 2 14.54 -0.04 4.12
CA PRO A 2 14.41 1.30 4.74
C PRO A 2 13.82 2.31 3.74
N ARG A 3 13.52 3.51 4.24
CA ARG A 3 12.95 4.59 3.41
C ARG A 3 14.05 5.22 2.53
N VAL A 4 14.06 4.80 1.29
CA VAL A 4 14.98 5.32 0.24
C VAL A 4 14.17 5.92 -0.91
N TYR A 5 13.88 5.08 -1.89
CA TYR A 5 12.87 5.31 -2.94
C TYR A 5 11.74 4.30 -2.76
N LYS A 6 10.53 4.70 -3.16
CA LYS A 6 9.32 4.19 -2.50
C LYS A 6 8.38 3.20 -3.22
N PRO A 7 7.79 3.50 -4.37
CA PRO A 7 7.03 4.72 -4.68
C PRO A 7 5.64 4.67 -4.05
N CYS A 8 5.59 4.09 -2.87
CA CYS A 8 4.41 3.27 -2.50
C CYS A 8 3.48 3.53 -1.31
N PHE A 9 3.90 4.06 -0.16
CA PHE A 9 5.22 4.59 0.17
C PHE A 9 6.27 3.61 0.76
N VAL A 10 5.95 2.34 0.57
CA VAL A 10 6.55 1.20 1.30
C VAL A 10 7.21 0.05 0.48
N CYS A 11 6.67 -0.14 -0.72
CA CYS A 11 7.00 -1.18 -1.72
C CYS A 11 7.81 -0.39 -2.76
N GLN A 12 9.09 -0.60 -2.52
CA GLN A 12 10.15 0.40 -2.31
C GLN A 12 11.08 0.60 -3.52
N ASP A 13 10.64 1.49 -4.42
CA ASP A 13 11.42 1.95 -5.58
C ASP A 13 11.58 3.29 -6.33
N LYS A 14 10.56 4.16 -6.41
CA LYS A 14 10.64 5.50 -7.04
C LYS A 14 9.67 6.48 -6.33
N SER A 15 9.12 7.55 -6.94
CA SER A 15 7.81 8.15 -6.52
C SER A 15 6.92 8.60 -7.68
N SER A 16 5.85 7.85 -7.83
CA SER A 16 4.93 7.93 -8.98
C SER A 16 3.73 8.90 -8.78
N GLY A 17 4.06 10.20 -8.72
CA GLY A 17 3.06 11.30 -8.74
C GLY A 17 3.49 12.64 -8.13
N TYR A 18 2.84 13.12 -7.05
CA TYR A 18 1.89 12.32 -6.27
C TYR A 18 0.40 12.76 -6.15
N HIS A 19 -0.43 11.72 -5.99
CA HIS A 19 -1.89 11.75 -5.75
C HIS A 19 -2.22 12.08 -4.28
N TYR A 20 -2.77 11.12 -3.52
CA TYR A 20 -3.30 11.35 -2.16
C TYR A 20 -2.35 11.09 -0.98
N GLY A 21 -1.73 12.17 -0.54
CA GLY A 21 -1.10 12.33 0.81
C GLY A 21 0.29 11.69 1.06
N VAL A 22 0.56 10.63 0.31
CA VAL A 22 1.74 9.75 0.44
C VAL A 22 2.65 9.90 -0.80
N SER A 23 3.43 8.87 -1.01
CA SER A 23 3.93 8.43 -2.32
C SER A 23 3.26 7.07 -2.57
N ALA A 24 2.45 6.98 -3.60
CA ALA A 24 1.92 5.68 -4.01
C ALA A 24 2.20 5.21 -5.42
N CYS A 25 2.37 3.88 -5.44
CA CYS A 25 3.19 3.13 -6.41
C CYS A 25 2.54 2.91 -7.79
N GLU A 26 1.53 3.74 -8.03
CA GLU A 26 0.64 3.82 -9.22
C GLU A 26 -0.24 2.56 -9.28
N GLY A 27 0.44 1.43 -9.29
CA GLY A 27 -0.13 0.11 -8.97
C GLY A 27 -0.79 0.13 -7.58
N CYS A 28 -0.15 0.76 -6.60
CA CYS A 28 -0.70 0.81 -5.24
C CYS A 28 -1.91 1.70 -4.98
N LYS A 29 -1.98 2.87 -5.62
CA LYS A 29 -3.22 3.69 -5.57
C LYS A 29 -4.42 2.96 -6.23
N GLY A 30 -4.10 2.22 -7.31
CA GLY A 30 -5.02 1.26 -7.96
C GLY A 30 -5.49 0.17 -7.00
N PHE A 31 -4.52 -0.58 -6.47
CA PHE A 31 -4.68 -1.58 -5.39
C PHE A 31 -5.50 -1.11 -4.18
N PHE A 32 -5.34 0.17 -3.88
CA PHE A 32 -5.83 0.80 -2.63
C PHE A 32 -7.35 0.83 -2.72
N ARG A 33 -7.86 1.41 -3.81
CA ARG A 33 -9.29 1.33 -4.15
C ARG A 33 -9.80 -0.09 -4.47
N ARG A 34 -8.94 -0.82 -5.16
CA ARG A 34 -9.21 -2.20 -5.59
C ARG A 34 -9.31 -3.27 -4.49
N SER A 35 -9.01 -2.85 -3.26
CA SER A 35 -9.61 -3.45 -2.08
C SER A 35 -10.67 -2.55 -1.46
N ILE A 36 -10.22 -1.40 -0.99
CA ILE A 36 -11.00 -0.56 -0.06
C ILE A 36 -12.37 -0.13 -0.57
N GLN A 37 -12.32 0.41 -1.77
CA GLN A 37 -13.46 1.15 -2.36
C GLN A 37 -14.69 0.25 -2.57
N LYS A 38 -14.37 -0.97 -2.94
CA LYS A 38 -15.27 -2.00 -3.46
C LYS A 38 -15.31 -3.33 -2.69
N ASN A 39 -14.16 -4.00 -2.62
CA ASN A 39 -14.07 -5.43 -2.28
C ASN A 39 -13.09 -5.88 -1.18
N MET A 40 -13.01 -5.13 -0.09
CA MET A 40 -12.21 -5.57 1.06
C MET A 40 -13.03 -6.04 2.26
N ILE A 41 -12.89 -7.33 2.40
CA ILE A 41 -12.94 -7.96 3.71
C ILE A 41 -11.72 -8.89 3.86
N TYR A 42 -10.92 -8.56 4.86
CA TYR A 42 -9.53 -9.08 4.98
C TYR A 42 -8.98 -8.99 6.41
N THR A 43 -8.25 -10.03 6.73
CA THR A 43 -7.27 -10.00 7.83
C THR A 43 -6.05 -10.75 7.28
N CYS A 44 -4.90 -10.16 7.50
CA CYS A 44 -3.69 -10.45 6.71
C CYS A 44 -3.23 -11.91 6.54
N HIS A 45 -3.75 -12.42 5.42
CA HIS A 45 -3.16 -13.54 4.67
C HIS A 45 -2.30 -12.99 3.53
N ARG A 46 -1.04 -12.76 3.85
CA ARG A 46 -0.17 -13.83 4.41
C ARG A 46 0.03 -13.70 5.94
N ASP A 47 0.92 -12.81 6.33
CA ASP A 47 1.04 -12.30 7.70
C ASP A 47 1.14 -10.76 7.64
N LYS A 48 0.99 -10.12 8.79
CA LYS A 48 0.87 -8.66 8.90
C LYS A 48 2.23 -7.92 8.96
N ASN A 49 3.28 -8.69 8.70
CA ASN A 49 4.67 -8.25 8.49
C ASN A 49 5.20 -8.72 7.11
N CYS A 50 4.28 -8.76 6.14
CA CYS A 50 4.34 -9.55 4.88
C CYS A 50 5.75 -9.45 4.28
N VAL A 51 5.98 -8.71 3.20
CA VAL A 51 7.16 -7.82 3.10
C VAL A 51 6.84 -6.39 2.67
N ILE A 52 6.77 -6.32 1.36
CA ILE A 52 6.79 -5.16 0.49
C ILE A 52 7.59 -3.91 0.91
N ASN A 53 8.88 -4.20 0.77
CA ASN A 53 9.94 -3.20 0.56
C ASN A 53 10.53 -3.45 -0.85
N LYS A 54 11.85 -3.65 -1.03
CA LYS A 54 12.38 -4.16 -2.31
C LYS A 54 13.11 -5.51 -2.37
N VAL A 55 13.44 -6.05 -1.19
CA VAL A 55 13.97 -7.43 -1.04
C VAL A 55 12.79 -8.22 -0.42
N THR A 56 11.90 -8.36 -1.37
CA THR A 56 10.45 -8.42 -1.10
C THR A 56 9.55 -9.56 -1.59
N ARG A 57 8.33 -9.39 -1.05
CA ARG A 57 6.99 -9.91 -1.42
C ARG A 57 6.90 -11.45 -1.66
N ASN A 58 6.16 -12.22 -0.85
CA ASN A 58 5.37 -11.88 0.37
C ASN A 58 4.36 -10.73 0.28
N ARG A 59 3.41 -10.87 -0.63
CA ARG A 59 2.43 -9.83 -0.92
C ARG A 59 1.01 -10.34 -0.66
N CYS A 60 0.24 -9.41 -0.13
CA CYS A 60 -1.15 -9.57 0.35
C CYS A 60 -1.81 -8.18 0.30
N GLN A 61 -3.13 -8.15 0.52
CA GLN A 61 -3.81 -6.85 0.68
C GLN A 61 -3.64 -6.15 2.01
N TYR A 62 -4.28 -6.66 3.05
CA TYR A 62 -4.37 -5.97 4.35
C TYR A 62 -3.06 -5.46 4.93
N CYS A 63 -2.04 -6.28 4.77
CA CYS A 63 -0.68 -5.96 5.26
C CYS A 63 -0.14 -4.61 4.80
N ARG A 64 -0.12 -4.41 3.48
CA ARG A 64 0.39 -3.17 2.89
C ARG A 64 -0.66 -2.34 2.15
N LEU A 65 -1.94 -2.68 2.37
CA LEU A 65 -2.97 -1.64 2.50
C LEU A 65 -2.59 -0.81 3.72
N GLN A 66 -2.42 -1.54 4.82
CA GLN A 66 -2.27 -1.01 6.19
C GLN A 66 -0.90 -0.46 6.57
N LYS A 67 0.16 -1.04 6.02
CA LYS A 67 1.49 -0.42 6.11
C LYS A 67 1.76 0.74 5.15
N CYS A 68 1.22 0.68 3.93
CA CYS A 68 1.17 1.90 3.09
C CYS A 68 0.25 2.98 3.71
N PHE A 69 -0.85 2.52 4.31
CA PHE A 69 -1.72 3.28 5.23
C PHE A 69 -1.08 3.97 6.45
N GLU A 70 0.04 3.44 6.92
CA GLU A 70 0.86 4.15 7.92
C GLU A 70 1.26 5.57 7.50
N VAL A 71 1.21 5.78 6.20
CA VAL A 71 1.36 7.09 5.54
C VAL A 71 0.03 7.36 4.79
N GLY A 72 -1.05 7.28 5.59
CA GLY A 72 -2.49 7.50 5.27
C GLY A 72 -2.79 8.16 3.95
N MET A 73 -2.78 7.24 3.02
CA MET A 73 -3.05 7.45 1.60
C MET A 73 -4.58 7.49 1.50
N SER A 74 -5.09 8.27 0.57
CA SER A 74 -6.54 8.34 0.46
C SER A 74 -7.23 7.70 -0.75
N LYS A 75 -6.99 6.39 -0.75
CA LYS A 75 -8.12 5.45 -0.65
C LYS A 75 -8.14 5.02 0.80
N GLU A 76 -9.02 5.65 1.53
CA GLU A 76 -8.81 5.91 2.97
C GLU A 76 -9.76 4.99 3.76
N SER A 77 -10.89 5.55 4.18
CA SER A 77 -12.10 4.75 4.49
C SER A 77 -13.03 5.06 3.33
N VAL A 78 -12.70 4.32 2.27
CA VAL A 78 -13.13 4.60 0.90
C VAL A 78 -14.13 3.58 0.36
N ARG A 79 -15.25 4.13 -0.08
CA ARG A 79 -15.59 5.59 -0.03
C ARG A 79 -16.72 5.83 0.97
N ASN A 80 -16.38 5.54 2.22
CA ASN A 80 -17.35 5.30 3.31
C ASN A 80 -17.08 6.01 4.64
N MET A 1 16.69 -1.70 6.68
CA MET A 1 15.81 -2.05 5.55
C MET A 1 15.95 -1.14 4.29
N PRO A 2 16.53 -1.67 3.20
CA PRO A 2 16.77 -0.94 1.94
C PRO A 2 15.55 -0.21 1.38
N ARG A 3 15.60 1.11 1.57
CA ARG A 3 14.63 2.07 1.02
C ARG A 3 15.37 3.26 0.37
N VAL A 4 15.66 3.11 -0.92
CA VAL A 4 16.34 4.18 -1.71
C VAL A 4 15.40 5.42 -1.81
N TYR A 5 14.53 5.36 -2.81
CA TYR A 5 13.37 6.26 -2.90
C TYR A 5 12.05 5.48 -2.78
N LYS A 6 11.13 6.10 -2.07
CA LYS A 6 9.77 5.56 -1.79
C LYS A 6 8.98 5.12 -3.01
N PRO A 7 8.59 6.01 -3.93
CA PRO A 7 7.36 6.80 -3.93
C PRO A 7 6.07 6.00 -4.21
N CYS A 8 6.14 4.85 -3.58
CA CYS A 8 5.13 3.78 -3.50
C CYS A 8 3.95 3.87 -2.53
N PHE A 9 4.04 4.38 -1.31
CA PHE A 9 5.22 4.96 -0.66
C PHE A 9 6.22 3.94 -0.07
N VAL A 10 5.87 2.67 -0.18
CA VAL A 10 6.42 1.60 0.65
C VAL A 10 7.04 0.36 -0.04
N CYS A 11 6.51 0.00 -1.20
CA CYS A 11 6.65 -1.37 -1.73
C CYS A 11 7.45 -1.52 -3.04
N GLN A 12 8.45 -0.73 -3.44
CA GLN A 12 9.26 0.39 -2.95
C GLN A 12 9.77 0.97 -4.29
N ASP A 13 10.13 2.24 -4.31
CA ASP A 13 10.70 2.97 -5.45
C ASP A 13 9.83 3.33 -6.68
N LYS A 14 8.94 2.43 -7.07
CA LYS A 14 7.97 2.72 -8.13
C LYS A 14 6.93 3.76 -7.65
N SER A 15 6.70 4.72 -8.53
CA SER A 15 6.26 6.08 -8.16
C SER A 15 5.12 6.79 -8.84
N SER A 16 4.76 7.84 -8.11
CA SER A 16 4.14 9.09 -8.54
C SER A 16 4.13 10.14 -7.43
N GLY A 17 4.02 11.40 -7.84
CA GLY A 17 4.11 12.57 -6.94
C GLY A 17 3.18 13.79 -7.22
N TYR A 18 1.90 13.84 -6.78
CA TYR A 18 1.07 12.75 -6.23
C TYR A 18 -0.44 13.07 -6.11
N HIS A 19 -1.24 12.00 -6.09
CA HIS A 19 -2.67 11.93 -5.79
C HIS A 19 -3.02 12.30 -4.32
N TYR A 20 -3.25 11.28 -3.48
CA TYR A 20 -3.79 11.49 -2.10
C TYR A 20 -2.86 11.11 -0.93
N GLY A 21 -2.36 12.15 -0.27
CA GLY A 21 -1.75 12.10 1.10
C GLY A 21 -0.31 11.58 1.20
N VAL A 22 -0.01 10.63 0.33
CA VAL A 22 1.27 9.87 0.28
C VAL A 22 2.04 10.27 -1.00
N SER A 23 2.94 9.37 -1.36
CA SER A 23 3.57 9.30 -2.69
C SER A 23 3.34 7.84 -3.12
N ALA A 24 2.54 7.64 -4.15
CA ALA A 24 2.24 6.27 -4.58
C ALA A 24 2.66 5.83 -5.98
N CYS A 25 2.80 4.52 -5.95
CA CYS A 25 3.40 3.65 -6.97
C CYS A 25 2.58 3.49 -8.26
N GLU A 26 1.41 4.10 -8.24
CA GLU A 26 0.34 4.02 -9.25
C GLU A 26 -0.34 2.64 -9.26
N GLY A 27 0.53 1.62 -9.16
CA GLY A 27 0.17 0.27 -8.71
C GLY A 27 -0.50 0.34 -7.31
N CYS A 28 0.10 1.08 -6.37
CA CYS A 28 -0.48 1.23 -5.03
C CYS A 28 -1.84 1.92 -4.93
N LYS A 29 -2.02 3.07 -5.58
CA LYS A 29 -3.35 3.73 -5.61
C LYS A 29 -4.45 2.81 -6.21
N GLY A 30 -4.08 2.09 -7.27
CA GLY A 30 -4.89 1.02 -7.91
C GLY A 30 -5.26 -0.10 -6.90
N PHE A 31 -4.23 -0.60 -6.23
CA PHE A 31 -4.35 -1.56 -5.10
C PHE A 31 -5.24 -1.09 -3.95
N PHE A 32 -5.19 0.23 -3.71
CA PHE A 32 -5.70 0.87 -2.49
C PHE A 32 -7.22 0.90 -2.60
N ARG A 33 -7.71 1.40 -3.73
CA ARG A 33 -9.13 1.23 -4.12
C ARG A 33 -9.58 -0.21 -4.32
N ARG A 34 -8.70 -1.00 -4.93
CA ARG A 34 -9.06 -2.37 -5.29
C ARG A 34 -9.51 -3.23 -4.11
N SER A 35 -8.77 -3.07 -3.02
CA SER A 35 -9.28 -3.48 -1.72
C SER A 35 -10.37 -2.56 -1.20
N ILE A 36 -9.99 -1.36 -0.77
CA ILE A 36 -10.83 -0.57 0.12
C ILE A 36 -12.20 -0.21 -0.44
N GLN A 37 -12.17 0.29 -1.65
CA GLN A 37 -13.33 0.93 -2.28
C GLN A 37 -14.54 -0.03 -2.40
N LYS A 38 -14.17 -1.28 -2.68
CA LYS A 38 -15.06 -2.41 -2.97
C LYS A 38 -14.84 -3.71 -2.17
N ASN A 39 -13.64 -4.29 -2.31
CA ASN A 39 -13.34 -5.65 -1.85
C ASN A 39 -12.16 -5.85 -0.87
N MET A 40 -12.27 -5.19 0.29
CA MET A 40 -11.35 -5.43 1.41
C MET A 40 -11.94 -6.22 2.58
N ILE A 41 -11.93 -7.48 2.24
CA ILE A 41 -12.31 -8.50 3.21
C ILE A 41 -11.11 -9.45 3.42
N TYR A 42 -10.39 -9.03 4.44
CA TYR A 42 -8.96 -9.36 4.64
C TYR A 42 -8.47 -9.34 6.09
N THR A 43 -7.91 -10.49 6.46
CA THR A 43 -6.87 -10.63 7.49
C THR A 43 -6.09 -11.92 7.21
N CYS A 44 -5.06 -11.81 6.39
CA CYS A 44 -4.55 -10.57 5.76
C CYS A 44 -4.75 -10.30 4.25
N HIS A 45 -4.86 -11.25 3.33
CA HIS A 45 -4.65 -12.69 3.51
C HIS A 45 -3.51 -13.28 2.68
N ARG A 46 -2.33 -13.00 3.23
CA ARG A 46 -1.36 -14.08 3.35
C ARG A 46 -1.27 -14.36 4.85
N ASP A 47 -0.38 -13.61 5.50
CA ASP A 47 -0.19 -13.50 6.94
C ASP A 47 -0.06 -12.01 7.29
N LYS A 48 -0.17 -11.66 8.56
CA LYS A 48 -0.15 -10.24 8.97
C LYS A 48 1.25 -9.76 9.43
N ASN A 49 2.26 -10.37 8.82
CA ASN A 49 3.66 -9.90 8.77
C ASN A 49 4.21 -9.65 7.35
N CYS A 50 3.37 -9.94 6.36
CA CYS A 50 3.61 -9.86 4.90
C CYS A 50 4.15 -8.47 4.55
N VAL A 51 5.38 -8.44 4.05
CA VAL A 51 6.33 -7.32 4.21
C VAL A 51 6.61 -6.70 2.84
N ILE A 52 6.56 -5.37 2.79
CA ILE A 52 7.11 -4.62 1.64
C ILE A 52 7.78 -3.27 1.92
N ASN A 53 9.08 -3.41 1.79
CA ASN A 53 10.03 -2.39 1.33
C ASN A 53 10.76 -3.10 0.17
N LYS A 54 12.10 -3.20 0.20
CA LYS A 54 12.81 -4.19 -0.61
C LYS A 54 13.89 -5.02 0.13
N VAL A 55 13.35 -5.93 0.92
CA VAL A 55 14.03 -7.11 1.54
C VAL A 55 13.31 -8.42 1.15
N THR A 56 12.08 -8.24 0.66
CA THR A 56 10.82 -8.58 1.34
C THR A 56 9.94 -9.63 0.63
N ARG A 57 8.65 -9.28 0.63
CA ARG A 57 7.62 -9.57 -0.37
C ARG A 57 7.45 -11.06 -0.75
N ASN A 58 6.55 -11.79 -0.07
CA ASN A 58 5.64 -11.39 1.04
C ASN A 58 4.63 -10.26 0.73
N ARG A 59 3.94 -10.32 -0.42
CA ARG A 59 3.05 -9.24 -0.82
C ARG A 59 1.57 -9.67 -0.88
N CYS A 60 0.70 -8.76 -0.47
CA CYS A 60 -0.75 -8.98 -0.28
C CYS A 60 -1.50 -7.64 0.00
N GLN A 61 -2.76 -7.75 0.44
CA GLN A 61 -3.60 -6.60 0.78
C GLN A 61 -3.33 -5.92 2.13
N TYR A 62 -3.99 -6.41 3.18
CA TYR A 62 -4.13 -5.69 4.48
C TYR A 62 -2.82 -5.24 5.10
N CYS A 63 -1.86 -6.17 5.03
CA CYS A 63 -0.44 -5.95 5.37
C CYS A 63 0.14 -4.61 4.90
N ARG A 64 -0.03 -4.33 3.62
CA ARG A 64 0.46 -3.09 2.99
C ARG A 64 -0.61 -2.13 2.44
N LEU A 65 -1.88 -2.45 2.64
CA LEU A 65 -2.90 -1.38 2.77
C LEU A 65 -2.50 -0.57 4.01
N GLN A 66 -2.32 -1.31 5.08
CA GLN A 66 -2.20 -0.80 6.46
C GLN A 66 -0.81 -0.21 6.81
N LYS A 67 0.25 -0.81 6.31
CA LYS A 67 1.58 -0.16 6.38
C LYS A 67 1.85 0.95 5.36
N CYS A 68 1.22 0.93 4.19
CA CYS A 68 1.26 2.11 3.30
C CYS A 68 0.29 3.22 3.77
N PHE A 69 -0.81 2.80 4.39
CA PHE A 69 -1.71 3.59 5.27
C PHE A 69 -1.06 4.38 6.41
N GLU A 70 0.06 3.87 6.90
CA GLU A 70 0.94 4.64 7.82
C GLU A 70 1.33 6.03 7.26
N VAL A 71 1.26 6.15 5.95
CA VAL A 71 1.44 7.39 5.18
C VAL A 71 0.07 7.67 4.53
N GLY A 72 -0.94 7.69 5.41
CA GLY A 72 -2.40 7.90 5.18
C GLY A 72 -2.78 8.54 3.86
N MET A 73 -2.85 7.57 2.98
CA MET A 73 -3.23 7.72 1.57
C MET A 73 -4.77 7.69 1.58
N SER A 74 -5.35 8.43 0.66
CA SER A 74 -6.81 8.39 0.58
C SER A 74 -7.48 7.70 -0.60
N LYS A 75 -7.21 6.41 -0.57
CA LYS A 75 -8.32 5.42 -0.48
C LYS A 75 -8.34 5.05 1.01
N GLU A 76 -9.29 5.66 1.70
CA GLU A 76 -9.12 6.04 3.10
C GLU A 76 -10.03 5.12 3.95
N SER A 77 -11.23 5.60 4.26
CA SER A 77 -12.37 4.72 4.56
C SER A 77 -13.31 4.95 3.37
N VAL A 78 -12.92 4.22 2.34
CA VAL A 78 -13.33 4.46 0.95
C VAL A 78 -14.25 3.40 0.40
N ARG A 79 -15.37 3.86 -0.13
CA ARG A 79 -15.79 5.30 -0.14
C ARG A 79 -17.05 5.49 0.72
N ASN A 80 -16.84 5.26 2.02
CA ASN A 80 -17.96 5.08 2.98
C ASN A 80 -17.95 6.00 4.21
#